data_4F0E
#
_entry.id   4F0E
#
_cell.length_a   69.676
_cell.length_b   45.383
_cell.length_c   123.389
_cell.angle_alpha   90.00
_cell.angle_beta   90.25
_cell.angle_gamma   90.00
#
_symmetry.space_group_name_H-M   'P 1 21 1'
#
loop_
_entity.id
_entity.type
_entity.pdbx_description
1 polymer 'Poly [ADP-ribose] polymerase 15'
2 non-polymer 8-methyl-2-[(pyrimidin-2-ylsulfanyl)methyl]quinazolin-4(1H)-one
3 water water
#
_entity_poly.entity_id   1
_entity_poly.type   'polypeptide(L)'
_entity_poly.pdbx_seq_one_letter_code
;SMNLPEHWTDMNHQLFCMVQLEPGQSEYNTIKDKFTRTCSSYAIEKIERIQNAFLWQSYQVKKRQMDIKNDHKNNERLLF
HGTDADSVPYVNQHGFNRSCAGKNAVSYGKGTYFAVDASYSAKDTYSKPDSNGRKHMYVVRVLTGVFTKGRAGLVTPPPK
NPHNPTDLFDSVTNNTRSPKLFVVFFDNQAYPEYLITFTA
;
_entity_poly.pdbx_strand_id   A,B,C,D
#
loop_
_chem_comp.id
_chem_comp.type
_chem_comp.name
_chem_comp.formula
0RU non-polymer 8-methyl-2-[(pyrimidin-2-ylsulfanyl)methyl]quinazolin-4(1H)-one 'C14 H12 N4 O S'
#
# COMPACT_ATOMS: atom_id res chain seq x y z
N MET A 2 -3.85 -6.12 -22.43
CA MET A 2 -3.24 -7.41 -22.66
C MET A 2 -3.77 -8.46 -21.69
N ASN A 3 -2.95 -9.48 -21.45
CA ASN A 3 -3.29 -10.61 -20.60
C ASN A 3 -3.56 -10.20 -19.15
N LEU A 4 -3.05 -9.04 -18.78
CA LEU A 4 -3.02 -8.56 -17.38
C LEU A 4 -4.16 -9.01 -16.47
N PRO A 5 -3.81 -9.55 -15.29
CA PRO A 5 -4.71 -9.93 -14.20
C PRO A 5 -5.64 -8.79 -13.82
N GLU A 6 -6.82 -9.11 -13.31
CA GLU A 6 -7.85 -8.10 -13.03
C GLU A 6 -7.67 -7.40 -11.68
N HIS A 7 -6.69 -7.83 -10.90
CA HIS A 7 -6.44 -7.21 -9.60
C HIS A 7 -5.36 -6.14 -9.68
N TRP A 8 -4.67 -6.10 -10.81
CA TRP A 8 -3.57 -5.17 -11.00
C TRP A 8 -4.03 -3.72 -11.12
N THR A 9 -3.22 -2.80 -10.57
CA THR A 9 -3.44 -1.38 -10.72
C THR A 9 -3.38 -1.02 -12.21
N ASP A 10 -4.18 -0.05 -12.62
CA ASP A 10 -4.06 0.45 -13.98
C ASP A 10 -2.72 1.12 -14.14
N MET A 11 -1.92 0.58 -15.07
CA MET A 11 -0.59 1.10 -15.34
C MET A 11 -0.72 2.22 -16.35
N ASN A 12 -1.97 2.51 -16.73
CA ASN A 12 -2.27 3.49 -17.77
C ASN A 12 -1.27 3.47 -18.92
N HIS A 13 -1.23 2.34 -19.63
CA HIS A 13 -0.38 2.17 -20.81
C HIS A 13 1.11 2.15 -20.50
N GLN A 14 1.47 1.66 -19.32
CA GLN A 14 2.88 1.40 -19.00
C GLN A 14 3.06 -0.05 -18.57
N LEU A 15 4.23 -0.61 -18.86
CA LEU A 15 4.43 -2.05 -18.82
C LEU A 15 4.91 -2.61 -17.47
N PHE A 16 5.47 -1.75 -16.64
CA PHE A 16 6.06 -2.17 -15.37
C PHE A 16 5.69 -1.22 -14.24
N CYS A 17 5.27 -1.77 -13.11
CA CYS A 17 4.78 -0.95 -12.01
C CYS A 17 5.12 -1.53 -10.63
N MET A 18 5.68 -0.69 -9.76
CA MET A 18 5.84 -1.04 -8.35
C MET A 18 4.70 -0.42 -7.53
N VAL A 19 3.97 -1.27 -6.81
CA VAL A 19 2.77 -0.84 -6.10
C VAL A 19 2.88 -1.16 -4.61
N GLN A 20 2.60 -0.17 -3.77
CA GLN A 20 2.69 -0.37 -2.32
C GLN A 20 1.40 -0.91 -1.69
N LEU A 21 1.52 -2.03 -0.99
CA LEU A 21 0.39 -2.69 -0.37
C LEU A 21 0.06 -2.10 0.99
N GLU A 22 -1.23 -2.02 1.31
CA GLU A 22 -1.67 -1.60 2.63
C GLU A 22 -1.67 -2.80 3.58
N PRO A 23 -1.04 -2.62 4.75
CA PRO A 23 -0.92 -3.69 5.75
C PRO A 23 -2.26 -4.35 6.07
N GLY A 24 -3.31 -3.56 6.23
CA GLY A 24 -4.61 -4.09 6.57
C GLY A 24 -5.14 -5.12 5.59
N GLN A 25 -4.77 -4.95 4.32
CA GLN A 25 -5.29 -5.81 3.25
C GLN A 25 -4.98 -7.30 3.43
N SER A 26 -5.84 -8.15 2.89
CA SER A 26 -5.61 -9.59 2.86
C SER A 26 -4.27 -9.90 2.21
N GLU A 27 -4.04 -9.29 1.06
CA GLU A 27 -2.84 -9.53 0.26
C GLU A 27 -1.56 -9.26 1.04
N TYR A 28 -1.56 -8.21 1.85
CA TYR A 28 -0.38 -7.83 2.61
C TYR A 28 -0.17 -8.76 3.80
N ASN A 29 -1.23 -9.02 4.56
CA ASN A 29 -1.14 -9.88 5.74
C ASN A 29 -0.72 -11.31 5.41
N THR A 30 -1.28 -11.87 4.34
CA THR A 30 -0.93 -13.23 3.92
C THR A 30 0.58 -13.33 3.71
N ILE A 31 1.09 -12.56 2.76
CA ILE A 31 2.52 -12.46 2.54
C ILE A 31 3.26 -12.37 3.87
N LYS A 32 2.79 -11.46 4.72
CA LYS A 32 3.39 -11.25 6.03
C LYS A 32 3.47 -12.54 6.83
N ASP A 33 2.36 -13.27 6.88
CA ASP A 33 2.26 -14.48 7.71
C ASP A 33 3.17 -15.60 7.22
N LYS A 34 3.55 -15.56 5.95
CA LYS A 34 4.43 -16.58 5.41
C LYS A 34 5.89 -16.20 5.69
N PHE A 35 6.14 -14.91 5.81
CA PHE A 35 7.45 -14.39 6.18
C PHE A 35 7.69 -14.61 7.67
N THR A 36 6.64 -14.43 8.46
CA THR A 36 6.77 -14.50 9.91
C THR A 36 6.69 -15.94 10.42
N ARG A 37 6.39 -16.88 9.53
CA ARG A 37 6.46 -18.28 9.89
C ARG A 37 7.88 -18.57 10.40
N THR A 38 8.86 -18.24 9.56
CA THR A 38 10.25 -18.50 9.89
C THR A 38 11.07 -17.26 10.26
N CYS A 39 10.47 -16.07 10.13
CA CYS A 39 11.17 -14.83 10.46
C CYS A 39 10.31 -13.93 11.33
N SER A 40 10.59 -13.91 12.63
CA SER A 40 9.85 -13.05 13.54
C SER A 40 10.69 -11.86 13.99
N SER A 41 11.94 -12.13 14.33
CA SER A 41 12.84 -11.12 14.85
C SER A 41 13.06 -9.94 13.91
N TYR A 42 12.75 -10.13 12.62
CA TYR A 42 12.84 -9.03 11.66
C TYR A 42 11.52 -8.27 11.61
N ALA A 43 11.49 -7.16 10.88
CA ALA A 43 10.28 -6.36 10.75
C ALA A 43 10.11 -5.84 9.32
N ILE A 44 8.87 -5.80 8.85
CA ILE A 44 8.59 -5.40 7.48
C ILE A 44 8.50 -3.89 7.34
N GLU A 45 9.33 -3.30 6.47
CA GLU A 45 9.17 -1.90 6.11
C GLU A 45 8.00 -1.76 5.16
N LYS A 46 8.04 -2.49 4.06
CA LYS A 46 6.99 -2.41 3.06
C LYS A 46 6.89 -3.66 2.19
N ILE A 47 5.79 -3.77 1.47
CA ILE A 47 5.56 -4.87 0.56
C ILE A 47 5.02 -4.34 -0.76
N GLU A 48 5.79 -4.54 -1.82
CA GLU A 48 5.42 -4.03 -3.12
C GLU A 48 5.04 -5.18 -4.05
N ARG A 49 3.92 -5.02 -4.75
CA ARG A 49 3.56 -6.00 -5.76
C ARG A 49 4.27 -5.69 -7.07
N ILE A 50 4.98 -6.67 -7.60
CA ILE A 50 5.61 -6.50 -8.91
C ILE A 50 4.60 -6.73 -10.03
N GLN A 51 4.32 -5.67 -10.75
CA GLN A 51 3.46 -5.74 -11.93
C GLN A 51 4.33 -5.57 -13.17
N ASN A 52 4.78 -6.69 -13.71
CA ASN A 52 5.62 -6.69 -14.90
C ASN A 52 4.93 -7.45 -16.02
N ALA A 53 4.37 -6.72 -16.98
CA ALA A 53 3.60 -7.34 -18.06
C ALA A 53 4.41 -8.40 -18.81
N PHE A 54 5.53 -8.00 -19.40
CA PHE A 54 6.32 -8.92 -20.21
C PHE A 54 6.75 -10.17 -19.45
N LEU A 55 7.09 -10.01 -18.17
CA LEU A 55 7.48 -11.14 -17.34
C LEU A 55 6.28 -12.03 -17.06
N TRP A 56 5.17 -11.42 -16.68
CA TRP A 56 3.92 -12.12 -16.40
C TRP A 56 3.46 -12.92 -17.62
N GLN A 57 3.64 -12.30 -18.78
CA GLN A 57 3.17 -12.83 -20.04
C GLN A 57 3.97 -14.05 -20.49
N SER A 58 5.28 -13.89 -20.64
CA SER A 58 6.13 -15.00 -21.05
C SER A 58 6.16 -16.11 -20.01
N TYR A 59 6.03 -15.73 -18.73
CA TYR A 59 6.00 -16.71 -17.66
C TYR A 59 4.76 -17.60 -17.78
N GLN A 60 3.60 -16.96 -17.94
CA GLN A 60 2.33 -17.68 -18.01
C GLN A 60 2.29 -18.70 -19.15
N VAL A 61 2.88 -18.34 -20.28
CA VAL A 61 2.91 -19.24 -21.43
C VAL A 61 3.55 -20.57 -21.04
N LYS A 62 4.58 -20.51 -20.20
CA LYS A 62 5.28 -21.72 -19.77
C LYS A 62 4.53 -22.46 -18.67
N LYS A 63 3.75 -21.72 -17.89
CA LYS A 63 2.89 -22.32 -16.87
C LYS A 63 1.87 -23.22 -17.53
N ARG A 64 1.40 -22.80 -18.71
CA ARG A 64 0.44 -23.57 -19.49
C ARG A 64 1.11 -24.75 -20.20
N GLN A 65 2.24 -24.47 -20.84
CA GLN A 65 3.02 -25.51 -21.51
C GLN A 65 3.47 -26.59 -20.52
N MET A 66 3.56 -26.21 -19.25
CA MET A 66 3.98 -27.14 -18.21
C MET A 66 2.79 -27.81 -17.54
N ASP A 67 1.59 -27.27 -17.75
CA ASP A 67 0.36 -27.89 -17.26
C ASP A 67 -0.12 -28.95 -18.26
N ILE A 68 0.12 -28.70 -19.54
CA ILE A 68 -0.17 -29.66 -20.58
C ILE A 68 0.78 -30.84 -20.48
N LYS A 69 2.05 -30.54 -20.60
CA LYS A 69 3.11 -31.54 -20.72
C LYS A 69 3.17 -32.51 -19.54
N ASN A 70 2.91 -32.02 -18.33
CA ASN A 70 2.89 -32.85 -17.15
C ASN A 70 1.46 -33.30 -16.81
N ASP A 71 1.27 -34.62 -16.69
CA ASP A 71 -0.07 -35.16 -16.39
C ASP A 71 -0.56 -34.71 -15.03
N HIS A 72 -1.55 -33.82 -15.04
CA HIS A 72 -2.17 -33.30 -13.82
C HIS A 72 -1.25 -33.27 -12.61
N LYS A 73 -0.23 -32.42 -12.71
CA LYS A 73 0.67 -32.14 -11.61
C LYS A 73 0.41 -30.74 -11.10
N ASN A 74 0.80 -30.50 -9.85
CA ASN A 74 0.84 -29.14 -9.34
C ASN A 74 2.21 -28.54 -9.62
N ASN A 75 2.32 -27.83 -10.74
CA ASN A 75 3.61 -27.36 -11.24
C ASN A 75 4.16 -26.12 -10.56
N GLU A 76 3.28 -25.29 -10.02
CA GLU A 76 3.68 -23.98 -9.52
C GLU A 76 3.80 -23.92 -7.99
N ARG A 77 4.95 -23.44 -7.51
CA ARG A 77 5.20 -23.35 -6.08
C ARG A 77 5.53 -21.92 -5.66
N LEU A 78 5.29 -21.58 -4.40
CA LEU A 78 5.53 -20.23 -3.89
C LEU A 78 6.77 -20.21 -2.98
N LEU A 79 7.85 -19.57 -3.45
CA LEU A 79 9.10 -19.57 -2.69
C LEU A 79 9.63 -18.17 -2.40
N PHE A 80 10.83 -18.11 -1.82
CA PHE A 80 11.46 -16.84 -1.49
C PHE A 80 12.78 -16.67 -2.26
N HIS A 81 13.14 -15.42 -2.52
CA HIS A 81 14.46 -15.11 -3.04
C HIS A 81 15.03 -13.87 -2.37
N GLY A 82 16.06 -14.07 -1.54
CA GLY A 82 16.76 -12.96 -0.95
C GLY A 82 17.77 -12.41 -1.93
N THR A 83 17.91 -11.10 -1.98
CA THR A 83 18.87 -10.46 -2.88
C THR A 83 19.32 -9.12 -2.31
N ASP A 84 20.17 -8.40 -3.05
CA ASP A 84 20.77 -7.17 -2.53
C ASP A 84 20.34 -5.90 -3.28
N ALA A 85 20.62 -4.76 -2.68
CA ALA A 85 20.14 -3.46 -3.16
C ALA A 85 20.46 -3.16 -4.63
N ASP A 86 21.56 -3.70 -5.13
CA ASP A 86 21.97 -3.46 -6.51
C ASP A 86 21.25 -4.39 -7.49
N SER A 87 20.68 -5.47 -6.96
CA SER A 87 20.05 -6.48 -7.80
C SER A 87 18.53 -6.35 -7.88
N VAL A 88 17.95 -5.40 -7.16
CA VAL A 88 16.51 -5.22 -7.18
C VAL A 88 15.98 -4.68 -8.52
N PRO A 89 16.61 -3.61 -9.04
CA PRO A 89 16.15 -2.97 -10.29
C PRO A 89 16.13 -3.88 -11.53
N TYR A 90 17.24 -4.57 -11.80
CA TYR A 90 17.28 -5.49 -12.94
C TYR A 90 16.19 -6.55 -12.83
N VAL A 91 16.07 -7.13 -11.63
CA VAL A 91 15.11 -8.20 -11.40
C VAL A 91 13.68 -7.74 -11.56
N ASN A 92 13.32 -6.67 -10.86
CA ASN A 92 11.99 -6.10 -11.03
C ASN A 92 11.66 -5.98 -12.51
N GLN A 93 12.65 -5.59 -13.30
CA GLN A 93 12.43 -5.36 -14.72
C GLN A 93 12.52 -6.66 -15.52
N HIS A 94 13.56 -7.43 -15.28
CA HIS A 94 13.95 -8.51 -16.19
C HIS A 94 13.97 -9.90 -15.55
N GLY A 95 13.47 -10.02 -14.33
CA GLY A 95 13.37 -11.31 -13.68
C GLY A 95 14.69 -11.92 -13.25
N PHE A 96 14.76 -13.25 -13.25
CA PHE A 96 15.93 -13.96 -12.76
C PHE A 96 16.84 -14.44 -13.89
N ASN A 97 18.14 -14.35 -13.66
CA ASN A 97 19.14 -14.77 -14.64
C ASN A 97 20.18 -15.68 -13.99
N ARG A 98 20.24 -16.93 -14.44
CA ARG A 98 21.14 -17.91 -13.86
C ARG A 98 22.62 -17.60 -14.09
N SER A 99 22.88 -16.71 -15.05
CA SER A 99 24.25 -16.37 -15.41
C SER A 99 24.81 -15.31 -14.47
N CYS A 100 23.92 -14.67 -13.70
CA CYS A 100 24.33 -13.71 -12.68
C CYS A 100 24.24 -14.35 -11.31
N ALA A 101 23.75 -15.59 -11.28
CA ALA A 101 23.51 -16.33 -10.05
C ALA A 101 24.76 -16.44 -9.18
N GLY A 102 24.59 -16.21 -7.88
CA GLY A 102 25.67 -16.39 -6.92
C GLY A 102 25.81 -17.85 -6.54
N LYS A 103 27.05 -18.27 -6.31
CA LYS A 103 27.31 -19.64 -5.89
C LYS A 103 26.73 -19.91 -4.50
N ASN A 104 26.34 -21.16 -4.25
CA ASN A 104 25.71 -21.54 -3.00
C ASN A 104 26.64 -22.41 -2.16
N ALA A 105 26.59 -22.23 -0.84
CA ALA A 105 27.45 -22.99 0.08
C ALA A 105 27.43 -24.49 -0.23
N VAL A 106 26.23 -25.06 -0.33
CA VAL A 106 26.05 -26.41 -0.86
C VAL A 106 25.31 -26.31 -2.19
N SER A 107 26.04 -26.53 -3.29
CA SER A 107 25.50 -26.28 -4.63
C SER A 107 24.91 -27.54 -5.26
N TYR A 108 23.70 -27.39 -5.78
CA TYR A 108 23.01 -28.49 -6.44
C TYR A 108 22.83 -28.25 -7.94
N GLY A 109 23.47 -27.20 -8.46
CA GLY A 109 23.38 -26.87 -9.87
C GLY A 109 23.59 -25.40 -10.17
N LYS A 110 24.22 -25.12 -11.31
CA LYS A 110 24.40 -23.75 -11.76
C LYS A 110 23.08 -23.19 -12.28
N GLY A 111 22.46 -22.34 -11.48
CA GLY A 111 21.19 -21.73 -11.81
C GLY A 111 20.73 -20.84 -10.67
N THR A 112 19.44 -20.54 -10.65
CA THR A 112 18.89 -19.65 -9.64
C THR A 112 18.17 -20.41 -8.53
N TYR A 113 18.52 -20.08 -7.29
CA TYR A 113 18.02 -20.78 -6.12
C TYR A 113 16.88 -20.06 -5.42
N PHE A 114 15.84 -20.82 -5.06
CA PHE A 114 14.73 -20.28 -4.29
C PHE A 114 14.52 -21.13 -3.05
N ALA A 115 14.06 -20.50 -1.97
CA ALA A 115 13.96 -21.18 -0.67
C ALA A 115 12.51 -21.47 -0.24
N VAL A 116 12.33 -22.58 0.47
CA VAL A 116 11.03 -22.96 1.00
C VAL A 116 10.68 -22.14 2.24
N ASP A 117 11.70 -21.81 3.02
CA ASP A 117 11.52 -20.97 4.19
C ASP A 117 12.15 -19.59 3.96
N ALA A 118 11.59 -18.58 4.60
CA ALA A 118 12.09 -17.22 4.44
C ALA A 118 13.36 -17.01 5.25
N SER A 119 13.50 -17.80 6.32
CA SER A 119 14.67 -17.74 7.18
C SER A 119 15.96 -17.89 6.38
N TYR A 120 16.03 -18.96 5.58
CA TYR A 120 17.22 -19.22 4.78
C TYR A 120 17.54 -18.06 3.84
N SER A 121 16.49 -17.44 3.31
CA SER A 121 16.66 -16.32 2.39
C SER A 121 16.92 -15.00 3.10
N ALA A 122 16.69 -14.99 4.42
CA ALA A 122 16.89 -13.79 5.22
C ALA A 122 18.32 -13.68 5.72
N LYS A 123 19.12 -14.70 5.44
CA LYS A 123 20.53 -14.68 5.77
C LYS A 123 21.18 -13.53 5.05
N ASP A 124 22.00 -12.75 5.75
CA ASP A 124 22.69 -11.63 5.14
C ASP A 124 23.61 -12.11 4.03
N THR A 125 23.85 -13.42 3.98
CA THR A 125 24.61 -13.99 2.87
C THR A 125 23.90 -13.67 1.57
N TYR A 126 22.59 -13.88 1.56
CA TYR A 126 21.78 -13.77 0.35
C TYR A 126 21.11 -12.41 0.31
N SER A 127 20.30 -12.11 1.31
CA SER A 127 19.72 -10.77 1.43
C SER A 127 20.66 -9.85 2.20
N LYS A 128 21.52 -9.13 1.47
CA LYS A 128 22.50 -8.26 2.11
C LYS A 128 21.89 -6.90 2.42
N PRO A 129 22.07 -6.42 3.67
CA PRO A 129 21.60 -5.10 4.07
C PRO A 129 22.28 -3.97 3.30
N ASP A 130 21.52 -2.95 2.89
CA ASP A 130 22.08 -1.83 2.15
C ASP A 130 22.70 -0.79 3.08
N SER A 131 23.26 0.26 2.49
CA SER A 131 23.91 1.32 3.25
C SER A 131 22.97 1.96 4.27
N ASN A 132 21.66 1.78 4.08
CA ASN A 132 20.69 2.28 5.04
C ASN A 132 20.22 1.19 5.99
N GLY A 133 20.76 -0.02 5.80
CA GLY A 133 20.49 -1.14 6.69
C GLY A 133 19.33 -2.02 6.28
N ARG A 134 18.74 -1.76 5.12
CA ARG A 134 17.57 -2.52 4.67
C ARG A 134 17.92 -3.90 4.10
N LYS A 135 16.96 -4.81 4.12
CA LYS A 135 17.12 -6.11 3.49
C LYS A 135 15.94 -6.37 2.56
N HIS A 136 16.20 -7.09 1.46
CA HIS A 136 15.18 -7.29 0.44
C HIS A 136 15.01 -8.76 0.09
N MET A 137 13.75 -9.20 0.06
CA MET A 137 13.43 -10.56 -0.35
C MET A 137 12.25 -10.56 -1.32
N TYR A 138 12.35 -11.38 -2.36
CA TYR A 138 11.27 -11.52 -3.32
C TYR A 138 10.39 -12.70 -2.95
N VAL A 139 9.10 -12.58 -3.23
CA VAL A 139 8.17 -13.71 -3.14
C VAL A 139 7.87 -14.16 -4.56
N VAL A 140 8.37 -15.33 -4.92
CA VAL A 140 8.41 -15.75 -6.31
C VAL A 140 7.44 -16.88 -6.62
N ARG A 141 6.73 -16.76 -7.75
CA ARG A 141 6.01 -17.91 -8.29
C ARG A 141 6.98 -18.75 -9.11
N VAL A 142 7.31 -19.93 -8.61
CA VAL A 142 8.29 -20.79 -9.28
C VAL A 142 7.65 -22.04 -9.81
N LEU A 143 7.96 -22.37 -11.07
CA LEU A 143 7.43 -23.59 -11.69
C LEU A 143 8.39 -24.74 -11.38
N THR A 144 8.08 -25.50 -10.34
CA THR A 144 8.92 -26.60 -9.89
C THR A 144 8.65 -27.89 -10.65
N GLY A 145 7.37 -28.13 -10.92
CA GLY A 145 6.94 -29.30 -11.66
C GLY A 145 7.41 -30.61 -11.07
N VAL A 146 8.00 -31.45 -11.91
CA VAL A 146 8.59 -32.70 -11.47
C VAL A 146 10.09 -32.49 -11.25
N PHE A 147 10.58 -32.82 -10.05
CA PHE A 147 11.96 -32.53 -9.68
C PHE A 147 12.67 -33.71 -9.00
N THR A 148 13.97 -33.79 -9.24
CA THR A 148 14.83 -34.79 -8.62
C THR A 148 15.94 -34.08 -7.83
N LYS A 149 16.73 -34.84 -7.08
CA LYS A 149 17.82 -34.25 -6.32
C LYS A 149 18.89 -33.66 -7.26
N GLY A 150 19.47 -32.53 -6.89
CA GLY A 150 20.44 -31.86 -7.73
C GLY A 150 21.89 -32.18 -7.40
N ARG A 151 22.78 -31.88 -8.34
CA ARG A 151 24.22 -31.99 -8.12
C ARG A 151 24.92 -30.74 -8.63
N ALA A 152 26.07 -30.43 -8.05
CA ALA A 152 26.77 -29.19 -8.31
C ALA A 152 27.22 -29.01 -9.77
N GLY A 153 27.14 -30.07 -10.56
CA GLY A 153 27.63 -30.02 -11.93
C GLY A 153 26.61 -29.57 -12.97
N LEU A 154 25.34 -29.53 -12.58
CA LEU A 154 24.25 -29.28 -13.52
C LEU A 154 24.26 -27.89 -14.13
N VAL A 155 23.76 -27.80 -15.36
CA VAL A 155 23.60 -26.54 -16.07
C VAL A 155 22.14 -26.36 -16.44
N THR A 156 21.53 -27.45 -16.92
CA THR A 156 20.09 -27.56 -16.99
C THR A 156 19.73 -28.72 -16.07
N PRO A 157 18.43 -28.99 -15.88
CA PRO A 157 18.08 -30.13 -15.03
C PRO A 157 18.55 -31.44 -15.65
N PRO A 158 18.60 -32.52 -14.85
CA PRO A 158 18.97 -33.84 -15.35
C PRO A 158 17.83 -34.44 -16.19
N PRO A 159 18.19 -35.29 -17.17
CA PRO A 159 17.17 -35.95 -17.99
C PRO A 159 16.46 -37.04 -17.19
N LYS A 160 15.20 -37.32 -17.54
CA LYS A 160 14.43 -38.36 -16.86
C LYS A 160 15.03 -39.72 -17.18
N ASN A 161 15.21 -39.97 -18.48
CA ASN A 161 15.87 -41.19 -18.93
C ASN A 161 17.18 -40.81 -19.62
N PRO A 162 18.30 -41.31 -19.11
CA PRO A 162 19.60 -40.98 -19.71
C PRO A 162 19.65 -41.43 -21.17
N HIS A 163 18.98 -42.55 -21.45
CA HIS A 163 18.88 -43.07 -22.81
C HIS A 163 17.91 -42.23 -23.64
N ASN A 164 17.11 -41.42 -22.96
CA ASN A 164 16.32 -40.38 -23.62
C ASN A 164 16.73 -39.00 -23.11
N PRO A 165 17.92 -38.56 -23.54
CA PRO A 165 18.63 -37.37 -23.03
C PRO A 165 17.82 -36.07 -22.93
N THR A 166 17.23 -35.60 -24.03
CA THR A 166 16.62 -34.27 -24.06
C THR A 166 15.31 -34.14 -23.29
N ASP A 167 14.85 -35.22 -22.68
CA ASP A 167 13.69 -35.16 -21.81
C ASP A 167 14.17 -34.92 -20.37
N LEU A 168 13.84 -33.76 -19.82
CA LEU A 168 14.41 -33.32 -18.54
C LEU A 168 13.38 -33.06 -17.46
N PHE A 169 13.83 -33.10 -16.20
CA PHE A 169 13.01 -32.63 -15.09
C PHE A 169 12.90 -31.12 -15.25
N ASP A 170 11.91 -30.52 -14.59
CA ASP A 170 11.71 -29.08 -14.68
C ASP A 170 12.65 -28.32 -13.74
N SER A 171 12.95 -28.92 -12.60
CA SER A 171 13.88 -28.33 -11.64
C SER A 171 14.53 -29.41 -10.78
N VAL A 172 15.32 -28.98 -9.81
CA VAL A 172 15.95 -29.91 -8.87
C VAL A 172 15.89 -29.37 -7.44
N THR A 173 15.85 -30.29 -6.48
CA THR A 173 15.74 -29.92 -5.07
C THR A 173 16.91 -30.48 -4.28
N ASN A 174 17.16 -29.89 -3.12
CA ASN A 174 18.18 -30.42 -2.21
C ASN A 174 17.76 -31.80 -1.73
N ASN A 175 16.49 -31.94 -1.37
CA ASN A 175 15.92 -33.22 -0.97
C ASN A 175 14.53 -33.40 -1.56
N THR A 176 14.26 -34.58 -2.12
CA THR A 176 12.96 -34.85 -2.74
C THR A 176 11.87 -35.16 -1.71
N ARG A 177 12.29 -35.60 -0.53
CA ARG A 177 11.36 -35.94 0.53
C ARG A 177 10.82 -34.67 1.18
N SER A 178 11.72 -33.87 1.75
CA SER A 178 11.33 -32.59 2.33
C SER A 178 12.18 -31.46 1.76
N PRO A 179 11.89 -31.07 0.50
CA PRO A 179 12.66 -30.04 -0.19
C PRO A 179 12.67 -28.73 0.60
N LYS A 180 13.85 -28.16 0.80
CA LYS A 180 13.98 -26.86 1.44
C LYS A 180 14.48 -25.81 0.45
N LEU A 181 15.01 -26.27 -0.68
CA LEU A 181 15.45 -25.40 -1.75
C LEU A 181 14.97 -25.91 -3.10
N PHE A 182 15.05 -25.05 -4.11
CA PHE A 182 14.71 -25.42 -5.48
C PHE A 182 15.54 -24.64 -6.49
N VAL A 183 16.01 -25.34 -7.51
CA VAL A 183 16.86 -24.74 -8.54
C VAL A 183 16.19 -24.81 -9.91
N VAL A 184 16.14 -23.67 -10.60
CA VAL A 184 15.58 -23.63 -11.95
C VAL A 184 16.62 -23.10 -12.94
N PHE A 185 16.57 -23.61 -14.17
CA PHE A 185 17.65 -23.42 -15.13
C PHE A 185 17.26 -22.69 -16.42
N PHE A 186 16.10 -22.03 -16.42
CA PHE A 186 15.64 -21.36 -17.63
C PHE A 186 14.95 -20.03 -17.36
N ASP A 187 15.07 -19.12 -18.32
CA ASP A 187 14.43 -17.81 -18.25
C ASP A 187 12.91 -17.96 -18.28
N ASN A 188 12.24 -17.10 -17.52
CA ASN A 188 10.78 -17.07 -17.46
C ASN A 188 10.18 -18.22 -16.67
N GLN A 189 10.99 -18.91 -15.88
CA GLN A 189 10.48 -20.06 -15.16
C GLN A 189 10.09 -19.69 -13.73
N ALA A 190 10.20 -18.40 -13.41
CA ALA A 190 9.80 -17.91 -12.10
C ALA A 190 9.34 -16.45 -12.18
N TYR A 191 8.21 -16.15 -11.53
CA TYR A 191 7.73 -14.77 -11.49
C TYR A 191 7.98 -14.10 -10.15
N PRO A 192 8.78 -13.03 -10.16
CA PRO A 192 9.06 -12.21 -8.98
C PRO A 192 7.83 -11.41 -8.60
N GLU A 193 6.94 -11.99 -7.80
CA GLU A 193 5.63 -11.38 -7.54
C GLU A 193 5.64 -10.28 -6.47
N TYR A 194 6.61 -10.32 -5.56
CA TYR A 194 6.65 -9.32 -4.49
C TYR A 194 8.06 -8.92 -4.12
N LEU A 195 8.21 -7.71 -3.59
CA LEU A 195 9.47 -7.26 -3.02
C LEU A 195 9.26 -6.85 -1.56
N ILE A 196 9.76 -7.66 -0.65
CA ILE A 196 9.69 -7.35 0.77
C ILE A 196 10.97 -6.63 1.20
N THR A 197 10.84 -5.39 1.63
CA THR A 197 11.95 -4.70 2.24
C THR A 197 11.75 -4.72 3.75
N PHE A 198 12.73 -5.25 4.48
CA PHE A 198 12.56 -5.49 5.90
C PHE A 198 13.80 -5.14 6.71
N THR A 199 13.76 -5.44 8.00
CA THR A 199 14.87 -5.11 8.90
C THR A 199 14.93 -6.06 10.09
N ASN B 3 -1.99 26.55 34.90
CA ASN B 3 -2.99 27.44 34.32
C ASN B 3 -3.32 27.05 32.88
N LEU B 4 -4.51 27.45 32.46
CA LEU B 4 -4.99 27.13 31.12
C LEU B 4 -4.94 28.37 30.22
N PRO B 5 -4.83 28.17 28.91
CA PRO B 5 -4.72 29.28 27.96
C PRO B 5 -5.87 30.26 28.12
N GLU B 6 -5.56 31.55 28.20
CA GLU B 6 -6.57 32.58 28.32
C GLU B 6 -7.36 32.72 27.03
N HIS B 7 -6.72 32.40 25.91
CA HIS B 7 -7.37 32.46 24.61
C HIS B 7 -8.46 31.42 24.50
N TRP B 8 -8.52 30.54 25.50
CA TRP B 8 -9.50 29.48 25.52
C TRP B 8 -10.88 29.94 25.99
N THR B 9 -11.92 29.34 25.42
CA THR B 9 -13.27 29.49 25.95
C THR B 9 -13.24 29.02 27.40
N ASP B 10 -14.13 29.55 28.23
CA ASP B 10 -14.23 29.09 29.61
C ASP B 10 -15.10 27.84 29.70
N MET B 11 -14.53 26.78 30.28
CA MET B 11 -15.24 25.51 30.39
C MET B 11 -16.10 25.45 31.64
N ASN B 12 -16.10 26.53 32.41
CA ASN B 12 -16.88 26.60 33.65
C ASN B 12 -16.62 25.39 34.55
N HIS B 13 -15.38 25.26 35.00
CA HIS B 13 -14.98 24.23 35.96
C HIS B 13 -15.12 22.79 35.43
N GLN B 14 -14.97 22.62 34.12
CA GLN B 14 -14.94 21.28 33.53
C GLN B 14 -13.63 21.02 32.77
N LEU B 15 -13.23 19.76 32.69
CA LEU B 15 -11.89 19.38 32.23
C LEU B 15 -11.78 19.16 30.72
N PHE B 16 -12.91 19.08 30.03
CA PHE B 16 -12.91 18.85 28.59
C PHE B 16 -14.00 19.63 27.87
N CYS B 17 -13.69 20.06 26.65
CA CYS B 17 -14.64 20.81 25.82
C CYS B 17 -14.22 20.77 24.35
N MET B 18 -15.20 20.99 23.46
CA MET B 18 -14.93 21.07 22.03
C MET B 18 -15.60 22.34 21.50
N VAL B 19 -14.79 23.25 20.98
CA VAL B 19 -15.28 24.56 20.58
C VAL B 19 -15.34 24.73 19.07
N GLN B 20 -16.57 24.75 18.53
CA GLN B 20 -16.79 24.92 17.11
C GLN B 20 -16.41 26.33 16.65
N LEU B 21 -15.46 26.41 15.72
CA LEU B 21 -14.92 27.69 15.26
C LEU B 21 -15.82 28.35 14.23
N GLU B 22 -15.62 29.65 14.01
CA GLU B 22 -16.43 30.41 13.06
C GLU B 22 -15.65 30.70 11.79
N PRO B 23 -16.22 30.34 10.63
CA PRO B 23 -15.58 30.63 9.34
C PRO B 23 -15.07 32.06 9.30
N GLY B 24 -15.73 32.93 10.06
CA GLY B 24 -15.29 34.32 10.16
C GLY B 24 -13.88 34.44 10.71
N GLN B 25 -13.60 33.68 11.77
CA GLN B 25 -12.35 33.82 12.52
C GLN B 25 -11.07 33.60 11.71
N SER B 26 -10.02 34.35 12.06
CA SER B 26 -8.70 34.18 11.47
C SER B 26 -8.10 32.83 11.87
N GLU B 27 -8.43 32.39 13.09
CA GLU B 27 -8.04 31.07 13.56
C GLU B 27 -8.52 30.03 12.56
N TYR B 28 -9.83 30.01 12.32
CA TYR B 28 -10.45 29.15 11.33
C TYR B 28 -9.74 29.26 9.99
N ASN B 29 -9.58 30.47 9.49
CA ASN B 29 -8.96 30.70 8.19
C ASN B 29 -7.53 30.17 8.13
N THR B 30 -6.80 30.34 9.22
CA THR B 30 -5.45 29.78 9.33
C THR B 30 -5.48 28.29 9.04
N ILE B 31 -6.12 27.54 9.94
CA ILE B 31 -6.25 26.09 9.81
C ILE B 31 -6.68 25.70 8.40
N LYS B 32 -7.78 26.29 7.94
CA LYS B 32 -8.35 25.98 6.63
C LYS B 32 -7.34 26.18 5.51
N ASP B 33 -6.49 27.19 5.65
CA ASP B 33 -5.50 27.51 4.62
C ASP B 33 -4.34 26.52 4.57
N LYS B 34 -3.96 26.00 5.73
CA LYS B 34 -2.88 25.02 5.79
C LYS B 34 -3.36 23.67 5.28
N PHE B 35 -4.67 23.45 5.43
CA PHE B 35 -5.32 22.22 4.99
C PHE B 35 -5.59 22.27 3.48
N THR B 36 -5.93 23.45 2.99
CA THR B 36 -6.31 23.61 1.58
C THR B 36 -5.16 23.96 0.65
N ARG B 37 -3.94 23.97 1.16
CA ARG B 37 -2.79 24.16 0.27
C ARG B 37 -2.63 22.92 -0.61
N THR B 38 -2.76 21.75 0.02
CA THR B 38 -2.68 20.46 -0.67
C THR B 38 -4.04 19.84 -0.98
N CYS B 39 -5.04 20.20 -0.18
CA CYS B 39 -6.37 19.57 -0.27
C CYS B 39 -7.44 20.43 -0.96
N SER B 40 -7.04 21.19 -1.98
CA SER B 40 -7.96 22.09 -2.68
C SER B 40 -9.28 21.48 -3.13
N SER B 41 -9.33 20.15 -3.22
CA SER B 41 -10.51 19.49 -3.77
C SER B 41 -11.49 18.97 -2.71
N TYR B 42 -11.19 19.22 -1.45
CA TYR B 42 -12.04 18.76 -0.36
C TYR B 42 -12.94 19.88 0.18
N ALA B 43 -13.84 19.52 1.09
CA ALA B 43 -14.78 20.46 1.66
C ALA B 43 -14.92 20.24 3.17
N ILE B 44 -14.65 21.29 3.93
CA ILE B 44 -14.67 21.23 5.40
C ILE B 44 -16.05 21.47 5.99
N GLU B 45 -16.54 20.49 6.75
CA GLU B 45 -17.81 20.65 7.46
C GLU B 45 -17.62 21.54 8.68
N LYS B 46 -16.51 21.37 9.39
CA LYS B 46 -16.23 22.18 10.57
C LYS B 46 -14.85 21.95 11.20
N ILE B 47 -14.34 22.99 11.84
CA ILE B 47 -13.06 22.90 12.54
C ILE B 47 -13.29 23.15 14.03
N GLU B 48 -12.97 22.16 14.85
CA GLU B 48 -13.23 22.24 16.28
C GLU B 48 -11.95 22.28 17.12
N ARG B 49 -11.85 23.31 17.96
CA ARG B 49 -10.71 23.46 18.86
C ARG B 49 -10.93 22.65 20.13
N ILE B 50 -10.04 21.69 20.37
CA ILE B 50 -10.16 20.83 21.54
C ILE B 50 -9.60 21.49 22.78
N GLN B 51 -10.44 21.58 23.81
CA GLN B 51 -9.99 22.08 25.11
C GLN B 51 -9.86 20.94 26.11
N ASN B 52 -8.65 20.40 26.21
CA ASN B 52 -8.38 19.28 27.11
C ASN B 52 -7.45 19.68 28.24
N ALA B 53 -7.97 19.69 29.47
CA ALA B 53 -7.18 20.13 30.62
C ALA B 53 -5.91 19.30 30.84
N PHE B 54 -6.08 18.00 31.10
CA PHE B 54 -4.95 17.14 31.43
C PHE B 54 -3.95 16.94 30.29
N LEU B 55 -4.45 16.83 29.07
CA LEU B 55 -3.57 16.65 27.90
C LEU B 55 -2.67 17.86 27.66
N TRP B 56 -3.20 19.06 27.91
CA TRP B 56 -2.46 20.28 27.69
C TRP B 56 -1.37 20.47 28.73
N GLN B 57 -1.75 20.30 29.99
CA GLN B 57 -0.81 20.42 31.09
C GLN B 57 0.38 19.48 30.89
N SER B 58 0.12 18.29 30.36
CA SER B 58 1.15 17.28 30.18
C SER B 58 1.94 17.46 28.88
N TYR B 59 1.35 18.14 27.90
CA TYR B 59 2.04 18.47 26.67
C TYR B 59 3.01 19.61 26.92
N GLN B 60 2.59 20.57 27.74
CA GLN B 60 3.42 21.73 28.01
C GLN B 60 4.53 21.43 29.00
N VAL B 61 4.31 20.42 29.84
CA VAL B 61 5.38 19.96 30.73
C VAL B 61 6.53 19.46 29.89
N LYS B 62 6.27 18.44 29.08
CA LYS B 62 7.29 17.86 28.22
C LYS B 62 7.97 18.89 27.31
N LYS B 63 7.17 19.76 26.66
CA LYS B 63 7.74 20.79 25.80
C LYS B 63 8.83 21.56 26.54
N ARG B 64 8.52 22.03 27.74
CA ARG B 64 9.50 22.75 28.54
C ARG B 64 10.76 21.90 28.76
N GLN B 65 10.55 20.62 29.03
CA GLN B 65 11.64 19.68 29.28
C GLN B 65 12.52 19.52 28.04
N MET B 66 11.88 19.49 26.88
CA MET B 66 12.61 19.33 25.63
C MET B 66 13.29 20.65 25.23
N ASP B 67 12.60 21.76 25.46
CA ASP B 67 13.20 23.08 25.30
C ASP B 67 14.52 23.09 26.06
N ILE B 68 14.48 22.61 27.29
CA ILE B 68 15.65 22.53 28.15
C ILE B 68 16.72 21.61 27.58
N LYS B 69 16.37 20.33 27.42
CA LYS B 69 17.30 19.31 26.99
C LYS B 69 17.96 19.63 25.64
N ASN B 70 17.25 20.38 24.81
CA ASN B 70 17.73 20.71 23.46
C ASN B 70 18.29 22.13 23.36
N ASP B 71 18.92 22.46 22.24
CA ASP B 71 19.71 23.68 22.13
C ASP B 71 19.16 24.70 21.14
N HIS B 72 18.45 25.71 21.63
CA HIS B 72 17.83 26.74 20.79
C HIS B 72 17.34 26.16 19.46
N LYS B 73 16.48 25.17 19.54
CA LYS B 73 15.91 24.53 18.37
C LYS B 73 14.41 24.73 18.35
N ASN B 74 13.82 24.61 17.18
CA ASN B 74 12.37 24.61 17.07
C ASN B 74 11.83 23.21 17.29
N ASN B 75 11.35 22.97 18.50
CA ASN B 75 11.05 21.61 18.96
C ASN B 75 9.63 21.12 18.76
N GLU B 76 8.78 21.96 18.17
CA GLU B 76 7.37 21.62 17.98
C GLU B 76 6.86 21.96 16.57
N ARG B 77 6.41 20.94 15.85
CA ARG B 77 5.82 21.15 14.54
C ARG B 77 4.31 20.97 14.59
N LEU B 78 3.60 21.71 13.75
CA LEU B 78 2.16 21.56 13.61
C LEU B 78 1.85 20.58 12.49
N LEU B 79 1.54 19.34 12.85
CA LEU B 79 1.34 18.27 11.87
C LEU B 79 -0.09 17.74 11.82
N PHE B 80 -0.33 16.79 10.92
CA PHE B 80 -1.66 16.26 10.66
C PHE B 80 -1.82 14.80 11.07
N HIS B 81 -3.03 14.44 11.47
CA HIS B 81 -3.36 13.05 11.77
C HIS B 81 -4.80 12.73 11.38
N GLY B 82 -4.97 11.89 10.36
CA GLY B 82 -6.29 11.44 9.98
C GLY B 82 -6.60 10.15 10.71
N THR B 83 -7.88 9.94 11.03
CA THR B 83 -8.25 8.76 11.78
C THR B 83 -9.71 8.35 11.51
N ASP B 84 -10.09 7.22 12.09
CA ASP B 84 -11.44 6.70 11.93
C ASP B 84 -12.46 7.46 12.77
N ALA B 85 -13.73 7.21 12.50
CA ALA B 85 -14.81 7.89 13.20
C ALA B 85 -14.94 7.38 14.63
N ASP B 86 -14.56 6.13 14.84
CA ASP B 86 -14.73 5.45 16.13
C ASP B 86 -13.70 5.87 17.19
N SER B 87 -12.50 6.25 16.74
CA SER B 87 -11.42 6.57 17.68
C SER B 87 -11.37 8.04 18.07
N VAL B 88 -12.18 8.86 17.41
CA VAL B 88 -12.19 10.30 17.67
C VAL B 88 -12.47 10.64 19.14
N PRO B 89 -13.47 9.97 19.75
CA PRO B 89 -13.71 10.19 21.18
C PRO B 89 -12.57 9.76 22.11
N TYR B 90 -11.61 8.97 21.63
CA TYR B 90 -10.49 8.58 22.48
C TYR B 90 -9.36 9.59 22.39
N VAL B 91 -9.07 10.06 21.17
CA VAL B 91 -8.04 11.05 20.95
C VAL B 91 -8.40 12.30 21.72
N ASN B 92 -9.67 12.66 21.70
CA ASN B 92 -10.13 13.86 22.38
C ASN B 92 -9.79 13.88 23.86
N GLN B 93 -10.15 12.82 24.58
CA GLN B 93 -9.91 12.78 26.02
C GLN B 93 -8.53 12.24 26.41
N HIS B 94 -8.09 11.19 25.73
CA HIS B 94 -6.90 10.47 26.12
C HIS B 94 -5.78 10.57 25.07
N GLY B 95 -6.06 11.22 23.95
CA GLY B 95 -5.03 11.50 22.96
C GLY B 95 -4.56 10.29 22.16
N PHE B 96 -3.33 10.40 21.64
CA PHE B 96 -2.77 9.38 20.77
C PHE B 96 -2.05 8.30 21.57
N ASN B 97 -2.31 7.06 21.20
CA ASN B 97 -1.69 5.91 21.86
C ASN B 97 -0.98 5.05 20.83
N ARG B 98 0.32 4.86 21.01
CA ARG B 98 1.10 4.05 20.07
C ARG B 98 0.61 2.61 20.01
N SER B 99 0.00 2.15 21.10
CA SER B 99 -0.49 0.78 21.17
C SER B 99 -1.71 0.55 20.27
N CYS B 100 -2.25 1.62 19.73
CA CYS B 100 -3.46 1.56 18.89
C CYS B 100 -3.15 1.73 17.41
N ALA B 101 -1.93 2.16 17.13
CA ALA B 101 -1.51 2.46 15.76
C ALA B 101 -1.39 1.19 14.91
N GLY B 102 -1.57 1.35 13.60
CA GLY B 102 -1.34 0.26 12.67
C GLY B 102 -0.06 0.54 11.91
N LYS B 103 0.23 -0.27 10.89
CA LYS B 103 1.41 -0.04 10.08
C LYS B 103 1.14 0.89 8.92
N ASN B 104 1.93 1.96 8.81
CA ASN B 104 1.94 2.75 7.59
C ASN B 104 2.39 1.83 6.47
N ALA B 105 2.08 2.18 5.23
CA ALA B 105 2.56 1.40 4.10
C ALA B 105 4.05 1.20 4.30
N VAL B 106 4.78 2.30 4.43
CA VAL B 106 6.18 2.26 4.80
C VAL B 106 6.30 2.43 6.32
N SER B 107 6.84 1.42 6.98
CA SER B 107 6.92 1.42 8.44
C SER B 107 8.27 1.93 8.92
N TYR B 108 8.25 3.09 9.58
CA TYR B 108 9.47 3.68 10.10
C TYR B 108 9.52 3.58 11.62
N GLY B 109 8.64 2.77 12.18
CA GLY B 109 8.58 2.60 13.62
C GLY B 109 7.24 2.07 14.10
N LYS B 110 7.17 1.78 15.38
CA LYS B 110 5.92 1.33 15.99
C LYS B 110 5.42 2.39 16.95
N GLY B 111 4.66 3.34 16.42
CA GLY B 111 4.12 4.43 17.21
C GLY B 111 3.10 5.24 16.44
N THR B 112 2.98 6.52 16.76
CA THR B 112 1.99 7.38 16.12
C THR B 112 2.61 8.33 15.10
N TYR B 113 2.23 8.13 13.84
CA TYR B 113 2.75 8.91 12.73
C TYR B 113 2.04 10.25 12.60
N PHE B 114 2.64 11.16 11.83
CA PHE B 114 2.03 12.46 11.55
C PHE B 114 2.46 13.03 10.20
N ALA B 115 1.50 13.63 9.49
CA ALA B 115 1.74 14.09 8.12
C ALA B 115 2.09 15.56 8.04
N VAL B 116 3.12 15.86 7.24
CA VAL B 116 3.42 17.24 6.89
C VAL B 116 2.26 17.78 6.06
N ASP B 117 2.01 17.11 4.93
CA ASP B 117 0.92 17.48 4.05
C ASP B 117 -0.40 16.90 4.53
N ALA B 118 -1.45 17.71 4.47
CA ALA B 118 -2.78 17.24 4.84
C ALA B 118 -3.30 16.30 3.78
N SER B 119 -2.67 16.32 2.60
CA SER B 119 -3.06 15.44 1.50
C SER B 119 -2.72 13.98 1.80
N TYR B 120 -1.78 13.76 2.72
CA TYR B 120 -1.40 12.41 3.11
C TYR B 120 -2.39 11.85 4.12
N SER B 121 -2.77 12.67 5.09
CA SER B 121 -3.70 12.26 6.13
C SER B 121 -5.11 12.07 5.54
N ALA B 122 -5.40 12.79 4.47
CA ALA B 122 -6.73 12.74 3.84
C ALA B 122 -7.07 11.38 3.23
N LYS B 123 -6.06 10.57 3.00
CA LYS B 123 -6.26 9.24 2.42
C LYS B 123 -7.33 8.48 3.19
N ASP B 124 -8.26 7.87 2.45
CA ASP B 124 -9.38 7.14 3.03
C ASP B 124 -8.92 6.07 4.00
N THR B 125 -7.70 5.60 3.77
CA THR B 125 -7.10 4.59 4.64
C THR B 125 -6.86 5.07 6.08
N TYR B 126 -6.42 6.33 6.23
CA TYR B 126 -6.20 6.86 7.56
C TYR B 126 -7.44 7.61 8.02
N SER B 127 -7.76 8.70 7.33
CA SER B 127 -9.01 9.40 7.60
C SER B 127 -10.12 8.75 6.80
N LYS B 128 -10.83 7.83 7.45
CA LYS B 128 -11.81 6.97 6.80
C LYS B 128 -13.23 7.54 6.88
N PRO B 129 -13.93 7.62 5.74
CA PRO B 129 -15.31 8.14 5.72
C PRO B 129 -16.25 7.25 6.51
N ASP B 130 -16.95 7.80 7.49
CA ASP B 130 -17.92 7.03 8.27
C ASP B 130 -19.15 6.72 7.44
N SER B 131 -20.19 6.25 8.11
CA SER B 131 -21.45 5.89 7.44
C SER B 131 -21.97 6.99 6.51
N ASN B 132 -21.76 8.24 6.90
CA ASN B 132 -22.33 9.38 6.19
C ASN B 132 -21.37 10.12 5.26
N GLY B 133 -20.12 9.67 5.21
CA GLY B 133 -19.13 10.28 4.33
C GLY B 133 -18.39 11.44 4.97
N ARG B 134 -18.40 11.50 6.30
CA ARG B 134 -17.63 12.49 7.03
C ARG B 134 -16.29 11.89 7.41
N LYS B 135 -15.21 12.57 6.99
CA LYS B 135 -13.86 12.14 7.34
C LYS B 135 -13.34 12.97 8.49
N HIS B 136 -12.22 12.56 9.08
CA HIS B 136 -11.71 13.25 10.26
C HIS B 136 -10.19 13.37 10.26
N MET B 137 -9.72 14.58 10.50
CA MET B 137 -8.30 14.87 10.46
C MET B 137 -7.92 15.77 11.64
N TYR B 138 -6.85 15.41 12.33
CA TYR B 138 -6.37 16.20 13.45
C TYR B 138 -5.26 17.15 13.03
N VAL B 139 -5.33 18.37 13.54
CA VAL B 139 -4.20 19.30 13.48
C VAL B 139 -3.57 19.28 14.86
N VAL B 140 -2.33 18.83 14.94
CA VAL B 140 -1.74 18.46 16.22
C VAL B 140 -0.43 19.15 16.50
N ARG B 141 -0.30 19.69 17.72
CA ARG B 141 1.00 20.13 18.19
C ARG B 141 1.80 18.91 18.59
N VAL B 142 2.92 18.68 17.89
CA VAL B 142 3.75 17.51 18.15
C VAL B 142 5.17 17.94 18.50
N LEU B 143 5.79 17.25 19.45
CA LEU B 143 7.15 17.54 19.86
C LEU B 143 8.15 16.71 19.07
N THR B 144 8.67 17.30 18.01
CA THR B 144 9.60 16.61 17.10
C THR B 144 11.04 16.73 17.58
N GLY B 145 11.40 17.90 18.08
CA GLY B 145 12.75 18.14 18.58
C GLY B 145 13.83 17.70 17.61
N VAL B 146 14.76 16.88 18.09
CA VAL B 146 15.78 16.32 17.22
C VAL B 146 15.34 14.95 16.70
N PHE B 147 15.25 14.84 15.39
CA PHE B 147 14.78 13.62 14.75
C PHE B 147 15.87 12.97 13.91
N THR B 148 15.64 11.72 13.53
CA THR B 148 16.50 11.01 12.60
C THR B 148 15.63 10.16 11.68
N LYS B 149 16.24 9.59 10.64
CA LYS B 149 15.52 8.68 9.76
C LYS B 149 15.27 7.36 10.49
N GLY B 150 14.04 6.88 10.46
CA GLY B 150 13.65 5.72 11.24
C GLY B 150 13.81 4.38 10.54
N ARG B 151 13.34 3.33 11.19
CA ARG B 151 13.30 1.98 10.63
C ARG B 151 12.30 1.13 11.41
N ALA B 152 11.81 0.07 10.76
CA ALA B 152 10.68 -0.70 11.26
C ALA B 152 10.75 -1.15 12.73
N GLY B 153 11.89 -1.69 13.15
CA GLY B 153 12.00 -2.32 14.45
C GLY B 153 11.82 -1.45 15.69
N LEU B 154 11.67 -0.15 15.49
CA LEU B 154 11.72 0.80 16.60
C LEU B 154 10.51 0.78 17.52
N VAL B 155 10.74 0.43 18.79
CA VAL B 155 9.73 0.55 19.83
C VAL B 155 9.96 1.85 20.60
N THR B 156 11.16 2.38 20.45
CA THR B 156 11.51 3.70 20.97
C THR B 156 12.40 4.38 19.94
N PRO B 157 12.61 5.70 20.08
CA PRO B 157 13.50 6.34 19.10
C PRO B 157 14.92 5.82 19.33
N PRO B 158 15.74 5.79 18.28
CA PRO B 158 17.10 5.25 18.43
C PRO B 158 17.98 6.19 19.26
N PRO B 159 19.12 5.67 19.75
CA PRO B 159 20.10 6.44 20.51
C PRO B 159 20.94 7.30 19.59
N LYS B 160 21.39 8.46 20.09
CA LYS B 160 22.28 9.34 19.34
C LYS B 160 23.67 8.72 19.31
N ASN B 161 23.91 7.83 20.27
CA ASN B 161 25.14 7.06 20.32
C ASN B 161 24.81 5.63 20.71
N PRO B 162 25.41 4.65 20.01
CA PRO B 162 25.23 3.22 20.31
C PRO B 162 25.82 2.90 21.68
N HIS B 163 27.02 3.41 21.92
CA HIS B 163 27.72 3.20 23.18
C HIS B 163 27.07 4.01 24.31
N ASN B 164 26.28 5.01 23.95
CA ASN B 164 25.46 5.74 24.89
C ASN B 164 23.98 5.50 24.59
N PRO B 165 23.46 4.33 25.01
CA PRO B 165 22.15 3.82 24.59
C PRO B 165 20.90 4.52 25.15
N THR B 166 21.03 5.29 26.22
CA THR B 166 19.86 5.93 26.83
C THR B 166 19.80 7.42 26.52
N ASP B 167 20.68 7.88 25.64
CA ASP B 167 20.59 9.22 25.12
C ASP B 167 20.00 9.13 23.73
N LEU B 168 18.70 9.41 23.64
CA LEU B 168 17.92 9.11 22.44
C LEU B 168 17.62 10.31 21.54
N PHE B 169 17.02 10.00 20.39
CA PHE B 169 16.44 11.02 19.52
C PHE B 169 14.99 11.24 19.95
N ASP B 170 14.41 12.35 19.53
CA ASP B 170 13.07 12.74 19.98
C ASP B 170 11.95 12.21 19.08
N SER B 171 12.30 11.88 17.85
CA SER B 171 11.34 11.39 16.87
C SER B 171 12.08 10.78 15.69
N VAL B 172 11.36 10.06 14.84
CA VAL B 172 11.91 9.53 13.61
C VAL B 172 11.10 10.04 12.42
N THR B 173 11.77 10.21 11.29
CA THR B 173 11.13 10.73 10.10
C THR B 173 11.46 9.79 8.95
N ASN B 174 10.80 10.00 7.81
CA ASN B 174 11.08 9.21 6.63
C ASN B 174 12.34 9.72 5.91
N ASN B 175 12.45 11.04 5.79
CA ASN B 175 13.58 11.67 5.14
C ASN B 175 13.94 12.96 5.87
N THR B 176 15.17 13.04 6.38
CA THR B 176 15.58 14.19 7.18
C THR B 176 15.77 15.46 6.37
N ARG B 177 16.13 15.31 5.09
CA ARG B 177 16.29 16.46 4.21
C ARG B 177 14.94 17.01 3.79
N SER B 178 13.99 16.12 3.52
CA SER B 178 12.65 16.53 3.14
C SER B 178 11.59 15.70 3.85
N PRO B 179 11.35 16.02 5.13
CA PRO B 179 10.42 15.26 5.96
C PRO B 179 8.97 15.38 5.48
N LYS B 180 8.31 14.24 5.34
CA LYS B 180 6.90 14.16 5.00
C LYS B 180 6.16 13.45 6.12
N LEU B 181 6.90 13.01 7.13
CA LEU B 181 6.35 12.22 8.21
C LEU B 181 7.14 12.46 9.50
N PHE B 182 6.47 12.21 10.63
CA PHE B 182 7.14 12.19 11.92
C PHE B 182 6.46 11.19 12.86
N VAL B 183 7.28 10.33 13.48
CA VAL B 183 6.77 9.30 14.38
C VAL B 183 7.25 9.57 15.80
N VAL B 184 6.34 9.48 16.76
CA VAL B 184 6.70 9.65 18.17
C VAL B 184 6.25 8.44 18.97
N PHE B 185 7.08 8.02 19.91
CA PHE B 185 6.87 6.76 20.61
C PHE B 185 6.50 6.93 22.08
N PHE B 186 6.16 8.15 22.50
CA PHE B 186 5.82 8.41 23.90
C PHE B 186 4.54 9.22 24.03
N ASP B 187 3.81 8.96 25.10
CA ASP B 187 2.57 9.68 25.38
C ASP B 187 2.85 11.16 25.58
N ASN B 188 1.88 11.99 25.20
CA ASN B 188 1.92 13.42 25.47
C ASN B 188 3.05 14.19 24.77
N GLN B 189 3.59 13.61 23.70
CA GLN B 189 4.53 14.34 22.88
C GLN B 189 3.73 15.08 21.81
N ALA B 190 2.42 14.87 21.84
CA ALA B 190 1.52 15.47 20.86
C ALA B 190 0.16 15.79 21.47
N TYR B 191 -0.31 17.01 21.25
CA TYR B 191 -1.64 17.41 21.71
C TYR B 191 -2.56 17.69 20.54
N PRO B 192 -3.76 17.13 20.58
CA PRO B 192 -4.81 17.45 19.61
C PRO B 192 -5.34 18.85 19.84
N GLU B 193 -5.18 19.74 18.86
CA GLU B 193 -5.66 21.10 19.02
C GLU B 193 -6.97 21.31 18.27
N TYR B 194 -6.97 20.98 16.99
CA TYR B 194 -8.19 21.12 16.19
C TYR B 194 -8.60 19.79 15.58
N LEU B 195 -9.92 19.58 15.51
CA LEU B 195 -10.45 18.47 14.74
C LEU B 195 -11.26 18.98 13.56
N ILE B 196 -10.69 18.85 12.37
CA ILE B 196 -11.42 19.18 11.15
C ILE B 196 -12.30 17.99 10.81
N THR B 197 -13.54 18.27 10.44
CA THR B 197 -14.43 17.25 9.92
C THR B 197 -14.77 17.63 8.48
N PHE B 198 -14.35 16.79 7.53
CA PHE B 198 -14.52 17.16 6.13
C PHE B 198 -15.17 16.07 5.27
N THR B 199 -15.35 16.39 3.99
CA THR B 199 -16.19 15.58 3.12
C THR B 199 -15.84 15.84 1.65
N ALA B 200 -16.54 15.16 0.75
CA ALA B 200 -16.22 15.20 -0.69
C ALA B 200 -16.72 16.46 -1.41
N ASN C 3 -18.20 0.18 15.29
CA ASN C 3 -19.37 -0.25 16.07
C ASN C 3 -19.15 -1.62 16.70
N LEU C 4 -17.90 -2.05 16.70
CA LEU C 4 -17.53 -3.43 17.02
C LEU C 4 -17.63 -3.75 18.51
N PRO C 5 -18.08 -4.98 18.82
CA PRO C 5 -18.33 -5.47 20.19
C PRO C 5 -17.23 -5.07 21.15
N GLU C 6 -17.59 -4.88 22.42
CA GLU C 6 -16.68 -4.30 23.40
C GLU C 6 -15.62 -5.26 23.94
N HIS C 7 -15.92 -6.55 23.95
CA HIS C 7 -14.99 -7.53 24.51
C HIS C 7 -13.97 -8.03 23.48
N TRP C 8 -14.15 -7.63 22.22
CA TRP C 8 -13.14 -7.89 21.21
C TRP C 8 -11.86 -7.19 21.65
N THR C 9 -10.73 -7.64 21.11
CA THR C 9 -9.45 -7.00 21.36
C THR C 9 -9.20 -5.87 20.35
N ASP C 10 -8.43 -4.87 20.75
CA ASP C 10 -8.01 -3.84 19.83
C ASP C 10 -7.35 -4.52 18.63
N MET C 11 -7.82 -4.15 17.43
CA MET C 11 -7.37 -4.80 16.20
C MET C 11 -6.40 -3.94 15.41
N ASN C 12 -5.98 -2.82 15.99
CA ASN C 12 -5.08 -1.89 15.31
C ASN C 12 -5.59 -1.48 13.94
N HIS C 13 -6.81 -0.97 13.89
CA HIS C 13 -7.41 -0.47 12.67
C HIS C 13 -7.61 -1.58 11.63
N GLN C 14 -7.69 -2.83 12.10
CA GLN C 14 -7.84 -3.95 11.19
C GLN C 14 -9.22 -4.57 11.26
N LEU C 15 -9.70 -5.09 10.14
CA LEU C 15 -11.09 -5.54 10.03
C LEU C 15 -11.26 -7.04 10.26
N PHE C 16 -10.15 -7.77 10.31
CA PHE C 16 -10.18 -9.18 10.65
C PHE C 16 -9.05 -9.52 11.60
N CYS C 17 -9.37 -10.27 12.65
CA CYS C 17 -8.36 -10.69 13.62
C CYS C 17 -8.71 -11.99 14.33
N MET C 18 -7.72 -12.87 14.41
CA MET C 18 -7.82 -14.07 15.24
C MET C 18 -7.03 -13.79 16.51
N VAL C 19 -7.69 -13.95 17.66
CA VAL C 19 -7.05 -13.66 18.94
C VAL C 19 -7.12 -14.84 19.88
N GLN C 20 -5.97 -15.46 20.10
CA GLN C 20 -5.87 -16.64 20.97
C GLN C 20 -6.31 -16.35 22.40
N LEU C 21 -7.25 -17.13 22.90
CA LEU C 21 -7.73 -16.98 24.26
C LEU C 21 -6.69 -17.39 25.28
N GLU C 22 -6.86 -16.92 26.51
CA GLU C 22 -6.03 -17.33 27.64
C GLU C 22 -6.82 -18.29 28.52
N PRO C 23 -6.31 -19.53 28.65
CA PRO C 23 -6.98 -20.66 29.31
C PRO C 23 -7.58 -20.35 30.69
N GLY C 24 -6.76 -19.82 31.60
CA GLY C 24 -7.24 -19.52 32.94
C GLY C 24 -8.42 -18.54 32.96
N GLN C 25 -8.55 -17.76 31.90
CA GLN C 25 -9.49 -16.64 31.86
C GLN C 25 -10.97 -17.01 31.64
N SER C 26 -11.85 -16.19 32.19
CA SER C 26 -13.30 -16.38 32.14
C SER C 26 -13.87 -16.71 30.75
N GLU C 27 -13.51 -15.90 29.75
CA GLU C 27 -13.99 -16.12 28.40
C GLU C 27 -13.70 -17.54 27.93
N TYR C 28 -12.55 -18.05 28.35
CA TYR C 28 -12.09 -19.37 27.96
C TYR C 28 -12.83 -20.48 28.69
N ASN C 29 -12.93 -20.37 30.01
CA ASN C 29 -13.63 -21.38 30.81
C ASN C 29 -15.06 -21.63 30.34
N THR C 30 -15.75 -20.55 29.97
CA THR C 30 -17.14 -20.64 29.55
C THR C 30 -17.28 -21.35 28.20
N ILE C 31 -16.51 -20.90 27.21
CA ILE C 31 -16.52 -21.52 25.90
C ILE C 31 -16.03 -22.96 25.99
N LYS C 32 -15.30 -23.26 27.05
CA LYS C 32 -14.85 -24.63 27.30
C LYS C 32 -16.01 -25.48 27.81
N ASP C 33 -16.74 -24.93 28.77
CA ASP C 33 -17.79 -25.67 29.47
C ASP C 33 -18.92 -26.18 28.56
N LYS C 34 -19.31 -25.40 27.57
CA LYS C 34 -20.37 -25.83 26.65
C LYS C 34 -19.87 -26.96 25.77
N PHE C 35 -18.57 -26.94 25.47
CA PHE C 35 -17.94 -28.01 24.71
C PHE C 35 -17.84 -29.26 25.57
N THR C 36 -17.49 -29.08 26.83
CA THR C 36 -17.30 -30.19 27.76
C THR C 36 -18.61 -30.85 28.16
N ARG C 37 -19.70 -30.10 28.05
CA ARG C 37 -21.02 -30.66 28.34
C ARG C 37 -21.19 -32.00 27.63
N THR C 38 -20.97 -31.99 26.32
CA THR C 38 -21.07 -33.21 25.52
C THR C 38 -19.73 -33.90 25.34
N CYS C 39 -18.65 -33.12 25.23
CA CYS C 39 -17.31 -33.67 25.06
C CYS C 39 -16.42 -33.43 26.28
N SER C 40 -16.39 -34.37 27.20
CA SER C 40 -15.39 -34.38 28.26
C SER C 40 -14.27 -35.31 27.82
N SER C 41 -14.54 -36.00 26.72
CA SER C 41 -13.59 -36.96 26.14
C SER C 41 -12.42 -36.25 25.46
N TYR C 42 -12.74 -35.28 24.61
CA TYR C 42 -11.72 -34.58 23.82
C TYR C 42 -10.88 -33.63 24.67
N ALA C 43 -9.65 -33.38 24.21
CA ALA C 43 -8.75 -32.42 24.84
C ALA C 43 -8.63 -31.18 23.97
N ILE C 44 -8.54 -30.01 24.60
CA ILE C 44 -8.52 -28.75 23.85
C ILE C 44 -7.11 -28.27 23.53
N GLU C 45 -6.86 -27.99 22.26
CA GLU C 45 -5.65 -27.30 21.88
C GLU C 45 -5.82 -25.82 22.20
N LYS C 46 -6.74 -25.17 21.50
CA LYS C 46 -6.97 -23.74 21.71
C LYS C 46 -8.37 -23.28 21.30
N ILE C 47 -8.76 -22.16 21.87
CA ILE C 47 -9.94 -21.43 21.41
C ILE C 47 -9.48 -20.05 20.97
N GLU C 48 -9.85 -19.66 19.76
CA GLU C 48 -9.52 -18.33 19.26
C GLU C 48 -10.81 -17.55 19.02
N ARG C 49 -10.73 -16.23 19.16
CA ARG C 49 -11.88 -15.40 18.83
C ARG C 49 -11.84 -15.02 17.35
N ILE C 50 -13.00 -15.07 16.70
CA ILE C 50 -13.13 -14.68 15.31
C ILE C 50 -13.60 -13.23 15.22
N GLN C 51 -12.67 -12.33 14.93
CA GLN C 51 -12.98 -10.92 14.82
C GLN C 51 -12.99 -10.47 13.37
N ASN C 52 -14.17 -10.40 12.78
CA ASN C 52 -14.32 -9.89 11.42
C ASN C 52 -15.35 -8.78 11.37
N ALA C 53 -14.88 -7.55 11.15
CA ALA C 53 -15.74 -6.38 11.16
C ALA C 53 -16.90 -6.49 10.18
N PHE C 54 -16.57 -6.63 8.90
CA PHE C 54 -17.57 -6.75 7.84
C PHE C 54 -18.60 -7.84 8.17
N LEU C 55 -18.10 -9.03 8.49
CA LEU C 55 -18.95 -10.14 8.89
C LEU C 55 -19.91 -9.75 10.00
N TRP C 56 -19.36 -9.26 11.11
CA TRP C 56 -20.16 -8.91 12.29
C TRP C 56 -21.12 -7.76 12.00
N GLN C 57 -20.80 -6.95 11.00
CA GLN C 57 -21.59 -5.76 10.72
C GLN C 57 -22.89 -6.13 10.01
N SER C 58 -22.79 -6.98 8.99
CA SER C 58 -23.98 -7.44 8.29
C SER C 58 -24.81 -8.33 9.20
N TYR C 59 -24.13 -9.17 9.97
CA TYR C 59 -24.80 -10.08 10.89
C TYR C 59 -25.71 -9.33 11.86
N GLN C 60 -25.15 -8.36 12.58
CA GLN C 60 -25.91 -7.56 13.52
C GLN C 60 -27.07 -6.88 12.81
N VAL C 61 -26.79 -6.29 11.64
CA VAL C 61 -27.83 -5.73 10.80
C VAL C 61 -28.97 -6.73 10.63
N LYS C 62 -28.63 -7.97 10.33
CA LYS C 62 -29.65 -9.00 10.09
C LYS C 62 -30.37 -9.42 11.37
N LYS C 63 -29.68 -9.32 12.51
CA LYS C 63 -30.31 -9.64 13.79
C LYS C 63 -31.30 -8.55 14.20
N ARG C 64 -31.04 -7.31 13.80
CA ARG C 64 -31.94 -6.22 14.12
C ARG C 64 -33.22 -6.33 13.30
N GLN C 65 -33.05 -6.75 12.06
CA GLN C 65 -34.17 -6.93 11.14
C GLN C 65 -35.03 -8.13 11.53
N MET C 66 -34.48 -9.05 12.32
CA MET C 66 -35.24 -10.21 12.77
C MET C 66 -35.95 -9.98 14.10
N ASP C 67 -35.41 -9.08 14.93
CA ASP C 67 -36.11 -8.68 16.14
C ASP C 67 -37.34 -7.84 15.78
N ILE C 68 -37.15 -6.88 14.88
CA ILE C 68 -38.25 -6.06 14.38
C ILE C 68 -39.29 -6.94 13.68
N LYS C 69 -38.80 -7.68 12.68
CA LYS C 69 -39.64 -8.52 11.83
C LYS C 69 -40.49 -9.48 12.63
N ASN C 70 -39.83 -10.26 13.47
CA ASN C 70 -40.50 -11.04 14.50
C ASN C 70 -40.96 -10.05 15.57
N ASP C 71 -41.81 -10.48 16.49
CA ASP C 71 -42.25 -9.57 17.54
C ASP C 71 -41.18 -9.50 18.62
N HIS C 72 -40.00 -9.01 18.25
CA HIS C 72 -38.79 -9.10 19.05
C HIS C 72 -38.66 -10.50 19.67
N LYS C 73 -38.55 -11.52 18.84
CA LYS C 73 -38.46 -12.88 19.36
C LYS C 73 -37.09 -13.15 19.96
N ASN C 74 -36.92 -14.35 20.49
CA ASN C 74 -35.60 -14.88 20.81
C ASN C 74 -35.03 -15.52 19.56
N ASN C 75 -34.27 -14.74 18.80
CA ASN C 75 -33.86 -15.12 17.46
C ASN C 75 -32.48 -15.75 17.36
N GLU C 76 -31.79 -15.92 18.48
CA GLU C 76 -30.37 -16.22 18.44
C GLU C 76 -29.94 -17.42 19.29
N ARG C 77 -28.99 -18.20 18.79
CA ARG C 77 -28.52 -19.40 19.47
C ARG C 77 -27.01 -19.57 19.37
N LEU C 78 -26.45 -20.43 20.21
CA LEU C 78 -25.03 -20.79 20.10
C LEU C 78 -24.89 -22.28 19.81
N LEU C 79 -24.47 -22.62 18.59
CA LEU C 79 -24.36 -24.01 18.19
C LEU C 79 -22.94 -24.39 17.80
N PHE C 80 -22.80 -25.52 17.12
CA PHE C 80 -21.49 -26.04 16.74
C PHE C 80 -21.44 -26.34 15.25
N HIS C 81 -20.28 -26.12 14.64
CA HIS C 81 -20.08 -26.49 13.24
C HIS C 81 -18.68 -27.04 13.04
N GLY C 82 -18.59 -28.32 12.70
CA GLY C 82 -17.32 -28.95 12.42
C GLY C 82 -16.93 -28.64 10.99
N THR C 83 -15.62 -28.69 10.69
CA THR C 83 -15.16 -28.35 9.36
C THR C 83 -13.84 -29.01 9.01
N ASP C 84 -13.64 -29.22 7.72
CA ASP C 84 -12.41 -29.78 7.20
C ASP C 84 -11.32 -28.71 7.20
N ALA C 85 -10.07 -29.13 7.08
CA ALA C 85 -8.95 -28.22 7.29
C ALA C 85 -8.92 -27.01 6.35
N ASP C 86 -9.28 -27.24 5.07
CA ASP C 86 -9.20 -26.18 4.07
C ASP C 86 -10.38 -25.21 4.09
N SER C 87 -11.35 -25.45 4.98
CA SER C 87 -12.53 -24.60 5.05
C SER C 87 -12.49 -23.58 6.19
N VAL C 88 -11.36 -23.51 6.89
CA VAL C 88 -11.19 -22.53 7.94
C VAL C 88 -10.83 -21.17 7.38
N PRO C 89 -9.84 -21.11 6.47
CA PRO C 89 -9.45 -19.84 5.86
C PRO C 89 -10.63 -19.13 5.22
N TYR C 90 -11.47 -19.87 4.50
CA TYR C 90 -12.64 -19.28 3.86
C TYR C 90 -13.68 -18.82 4.86
N VAL C 91 -14.08 -19.73 5.76
CA VAL C 91 -15.11 -19.42 6.72
C VAL C 91 -14.69 -18.27 7.66
N ASN C 92 -13.47 -18.33 8.19
CA ASN C 92 -13.00 -17.24 9.04
C ASN C 92 -13.11 -15.89 8.35
N GLN C 93 -12.89 -15.85 7.05
CA GLN C 93 -12.91 -14.60 6.31
C GLN C 93 -14.29 -14.26 5.74
N HIS C 94 -14.99 -15.27 5.21
CA HIS C 94 -16.22 -15.01 4.46
C HIS C 94 -17.48 -15.70 5.02
N GLY C 95 -17.35 -16.44 6.12
CA GLY C 95 -18.49 -17.08 6.76
C GLY C 95 -18.97 -18.38 6.14
N PHE C 96 -20.27 -18.59 6.17
CA PHE C 96 -20.86 -19.83 5.65
C PHE C 96 -21.56 -19.63 4.32
N ASN C 97 -21.09 -20.32 3.29
CA ASN C 97 -21.77 -20.32 2.01
C ASN C 97 -22.46 -21.66 1.84
N ARG C 98 -23.77 -21.64 1.64
CA ARG C 98 -24.54 -22.88 1.53
C ARG C 98 -24.28 -23.59 0.21
N SER C 99 -23.51 -22.95 -0.66
CA SER C 99 -23.15 -23.53 -1.95
C SER C 99 -21.82 -24.25 -1.84
N CYS C 100 -21.09 -23.99 -0.76
CA CYS C 100 -19.79 -24.63 -0.52
C CYS C 100 -19.93 -25.79 0.46
N VAL C 106 -27.70 -31.39 3.12
CA VAL C 106 -27.98 -32.82 3.22
C VAL C 106 -29.49 -33.09 3.40
N SER C 107 -29.86 -33.85 4.42
CA SER C 107 -31.21 -34.41 4.52
C SER C 107 -32.35 -33.45 4.90
N TYR C 108 -32.03 -32.37 5.60
CA TYR C 108 -33.06 -31.43 6.03
C TYR C 108 -33.07 -30.17 5.18
N GLY C 109 -32.39 -30.24 4.04
CA GLY C 109 -32.29 -29.11 3.13
C GLY C 109 -30.89 -28.86 2.61
N LYS C 110 -30.76 -27.84 1.77
CA LYS C 110 -29.47 -27.41 1.25
C LYS C 110 -29.06 -26.12 1.92
N GLY C 111 -28.61 -26.21 3.17
CA GLY C 111 -28.15 -25.05 3.90
C GLY C 111 -26.83 -25.36 4.56
N THR C 112 -26.46 -24.54 5.54
CA THR C 112 -25.30 -24.84 6.37
C THR C 112 -25.80 -25.31 7.73
N TYR C 113 -25.41 -26.52 8.10
CA TYR C 113 -25.94 -27.14 9.31
C TYR C 113 -25.09 -26.81 10.52
N PHE C 114 -25.74 -26.62 11.66
CA PHE C 114 -25.05 -26.35 12.92
C PHE C 114 -25.67 -27.21 14.02
N ALA C 115 -24.84 -27.67 14.96
CA ALA C 115 -25.27 -28.65 15.94
C ALA C 115 -25.60 -28.07 17.31
N VAL C 116 -26.67 -28.59 17.92
CA VAL C 116 -27.03 -28.23 19.28
C VAL C 116 -25.98 -28.75 20.25
N ASP C 117 -25.52 -29.97 20.01
CA ASP C 117 -24.49 -30.59 20.83
C ASP C 117 -23.15 -30.64 20.10
N ALA C 118 -22.07 -30.39 20.84
CA ALA C 118 -20.72 -30.43 20.28
C ALA C 118 -20.41 -31.83 19.73
N SER C 119 -20.74 -32.84 20.52
CA SER C 119 -20.53 -34.23 20.14
C SER C 119 -20.89 -34.48 18.68
N TYR C 120 -22.05 -33.96 18.26
CA TYR C 120 -22.54 -34.15 16.90
C TYR C 120 -21.57 -33.56 15.89
N SER C 121 -21.02 -32.39 16.20
CA SER C 121 -20.07 -31.70 15.34
C SER C 121 -18.68 -32.26 15.55
N ALA C 122 -18.54 -33.15 16.52
CA ALA C 122 -17.23 -33.70 16.87
C ALA C 122 -16.91 -34.98 16.10
N LYS C 123 -17.90 -35.49 15.39
CA LYS C 123 -17.69 -36.63 14.51
C LYS C 123 -16.63 -36.25 13.48
N ASP C 124 -15.91 -37.24 12.97
CA ASP C 124 -14.87 -36.98 11.98
C ASP C 124 -15.48 -36.38 10.70
N THR C 125 -16.70 -36.82 10.38
CA THR C 125 -17.41 -36.30 9.23
C THR C 125 -17.33 -34.79 9.15
N TYR C 126 -17.64 -34.14 10.27
CA TYR C 126 -17.70 -32.68 10.33
C TYR C 126 -16.34 -32.11 10.76
N SER C 127 -15.94 -32.41 11.98
CA SER C 127 -14.57 -32.15 12.39
C SER C 127 -13.64 -33.21 11.82
N LYS C 128 -13.11 -32.96 10.63
CA LYS C 128 -12.17 -33.86 9.98
C LYS C 128 -10.73 -33.58 10.41
N PRO C 129 -10.17 -34.46 11.25
CA PRO C 129 -8.79 -34.31 11.72
C PRO C 129 -7.79 -34.09 10.58
N ASP C 130 -6.89 -33.11 10.75
CA ASP C 130 -5.93 -32.82 9.69
C ASP C 130 -4.70 -33.72 9.77
N SER C 131 -3.70 -33.44 8.94
CA SER C 131 -2.48 -34.25 8.86
C SER C 131 -1.81 -34.48 10.22
N ASN C 132 -1.95 -33.52 11.12
CA ASN C 132 -1.26 -33.59 12.41
C ASN C 132 -2.17 -33.98 13.59
N GLY C 133 -3.40 -34.35 13.29
CA GLY C 133 -4.33 -34.84 14.31
C GLY C 133 -5.24 -33.78 14.89
N ARG C 134 -5.29 -32.61 14.25
CA ARG C 134 -6.11 -31.51 14.75
C ARG C 134 -7.57 -31.63 14.32
N LYS C 135 -8.48 -31.43 15.28
CA LYS C 135 -9.90 -31.38 14.99
C LYS C 135 -10.42 -29.98 15.23
N HIS C 136 -11.41 -29.56 14.45
CA HIS C 136 -11.87 -28.18 14.50
C HIS C 136 -13.38 -28.04 14.60
N MET C 137 -13.81 -27.11 15.44
CA MET C 137 -15.23 -26.89 15.68
C MET C 137 -15.48 -25.41 15.96
N TYR C 138 -16.38 -24.81 15.18
CA TYR C 138 -16.79 -23.44 15.41
C TYR C 138 -17.91 -23.41 16.42
N VAL C 139 -17.94 -22.36 17.23
CA VAL C 139 -19.11 -22.07 18.05
C VAL C 139 -19.78 -20.85 17.42
N VAL C 140 -21.03 -21.02 17.03
CA VAL C 140 -21.69 -20.02 16.18
C VAL C 140 -22.92 -19.39 16.83
N ARG C 141 -23.01 -18.07 16.76
CA ARG C 141 -24.24 -17.38 17.12
C ARG C 141 -25.22 -17.47 15.95
N VAL C 142 -26.26 -18.28 16.09
CA VAL C 142 -27.21 -18.51 15.01
C VAL C 142 -28.56 -17.84 15.21
N LEU C 143 -28.91 -16.96 14.29
CA LEU C 143 -30.24 -16.37 14.26
C LEU C 143 -31.24 -17.41 13.78
N THR C 144 -31.82 -18.16 14.72
CA THR C 144 -32.75 -19.22 14.40
C THR C 144 -34.20 -18.72 14.29
N GLY C 145 -34.42 -17.48 14.71
CA GLY C 145 -35.73 -16.86 14.64
C GLY C 145 -36.89 -17.81 14.90
N VAL C 146 -37.72 -18.01 13.88
CA VAL C 146 -38.79 -18.99 13.92
C VAL C 146 -38.41 -20.17 13.04
N PHE C 147 -38.82 -21.37 13.45
CA PHE C 147 -38.43 -22.57 12.73
C PHE C 147 -39.49 -23.65 12.80
N THR C 148 -39.31 -24.67 11.97
CA THR C 148 -40.22 -25.80 11.94
C THR C 148 -39.45 -27.04 11.49
N LYS C 149 -40.16 -28.14 11.26
CA LYS C 149 -39.49 -29.36 10.80
C LYS C 149 -39.15 -29.33 9.31
N GLY C 150 -37.94 -29.75 8.98
CA GLY C 150 -37.44 -29.63 7.62
C GLY C 150 -37.66 -30.87 6.77
N ARG C 151 -37.62 -30.67 5.44
CA ARG C 151 -37.71 -31.76 4.49
C ARG C 151 -36.57 -31.73 3.47
N ALA C 152 -36.44 -32.81 2.72
CA ALA C 152 -35.25 -33.06 1.88
C ALA C 152 -34.83 -31.96 0.90
N GLY C 153 -35.64 -31.73 -0.14
CA GLY C 153 -35.20 -30.89 -1.24
C GLY C 153 -35.31 -29.39 -1.07
N LEU C 154 -35.25 -28.91 0.17
CA LEU C 154 -35.46 -27.49 0.45
C LEU C 154 -34.36 -26.56 -0.08
N VAL C 155 -34.79 -25.44 -0.64
CA VAL C 155 -33.85 -24.46 -1.19
C VAL C 155 -33.79 -23.22 -0.29
N THR C 156 -34.91 -22.52 -0.19
CA THR C 156 -35.05 -21.45 0.81
C THR C 156 -35.94 -22.02 1.89
N PRO C 157 -35.93 -21.41 3.08
CA PRO C 157 -36.78 -21.96 4.14
C PRO C 157 -38.22 -22.04 3.66
N PRO C 158 -39.01 -22.96 4.23
CA PRO C 158 -40.40 -23.08 3.78
C PRO C 158 -41.18 -21.81 4.10
N PRO C 159 -41.94 -21.30 3.12
CA PRO C 159 -42.73 -20.10 3.39
C PRO C 159 -43.71 -20.37 4.52
N LYS C 160 -44.13 -19.32 5.23
CA LYS C 160 -45.19 -19.48 6.21
C LYS C 160 -46.50 -19.62 5.45
N ASN C 161 -46.51 -19.01 4.28
CA ASN C 161 -47.67 -19.08 3.40
C ASN C 161 -47.25 -19.34 1.95
N PRO C 162 -47.54 -20.55 1.45
CA PRO C 162 -47.43 -20.81 0.00
C PRO C 162 -48.45 -20.06 -0.86
N HIS C 163 -49.36 -19.30 -0.24
CA HIS C 163 -50.39 -18.60 -1.01
C HIS C 163 -50.36 -17.08 -0.78
N ASN C 164 -49.97 -16.69 0.42
CA ASN C 164 -49.49 -15.33 0.67
C ASN C 164 -48.04 -15.43 1.10
N PRO C 165 -47.18 -15.97 0.22
CA PRO C 165 -45.76 -16.21 0.53
C PRO C 165 -45.01 -14.91 0.79
N THR C 166 -45.12 -14.41 2.01
CA THR C 166 -44.41 -13.19 2.40
C THR C 166 -43.42 -13.48 3.52
N ASP C 167 -43.90 -14.12 4.57
CA ASP C 167 -43.05 -14.52 5.68
C ASP C 167 -42.57 -15.95 5.48
N LEU C 168 -41.26 -16.13 5.42
CA LEU C 168 -40.68 -17.46 5.40
C LEU C 168 -40.27 -17.81 6.82
N PHE C 169 -40.15 -19.10 7.12
CA PHE C 169 -39.52 -19.49 8.37
C PHE C 169 -38.03 -19.10 8.25
N ASP C 170 -37.41 -18.75 9.37
CA ASP C 170 -36.02 -18.30 9.33
C ASP C 170 -35.06 -19.48 9.27
N SER C 171 -35.47 -20.59 9.88
CA SER C 171 -34.68 -21.81 9.86
C SER C 171 -35.61 -23.01 9.96
N VAL C 172 -35.08 -24.20 9.65
CA VAL C 172 -35.83 -25.43 9.84
C VAL C 172 -35.12 -26.28 10.87
N THR C 173 -35.72 -27.41 11.22
CA THR C 173 -35.20 -28.22 12.29
C THR C 173 -35.35 -29.71 12.03
N ASN C 174 -34.56 -30.51 12.74
CA ASN C 174 -34.70 -31.95 12.70
C ASN C 174 -35.94 -32.36 13.47
N ASN C 175 -36.13 -31.72 14.62
CA ASN C 175 -37.30 -31.93 15.46
C ASN C 175 -37.66 -30.61 16.14
N THR C 176 -38.92 -30.20 16.02
CA THR C 176 -39.34 -28.92 16.57
C THR C 176 -39.48 -28.99 18.08
N ARG C 177 -39.69 -30.20 18.58
CA ARG C 177 -39.98 -30.41 20.00
C ARG C 177 -38.72 -30.41 20.86
N SER C 178 -37.62 -30.92 20.29
CA SER C 178 -36.33 -30.97 20.98
C SER C 178 -35.19 -31.04 19.97
N PRO C 179 -34.97 -29.93 19.23
CA PRO C 179 -34.03 -29.86 18.11
C PRO C 179 -32.59 -30.13 18.52
N LYS C 180 -31.90 -30.93 17.71
CA LYS C 180 -30.48 -31.18 17.86
C LYS C 180 -29.74 -30.55 16.68
N LEU C 181 -30.51 -30.25 15.64
CA LEU C 181 -29.95 -29.76 14.40
C LEU C 181 -30.74 -28.58 13.85
N PHE C 182 -30.01 -27.59 13.33
CA PHE C 182 -30.59 -26.43 12.67
C PHE C 182 -29.90 -26.12 11.36
N VAL C 183 -30.64 -25.56 10.42
CA VAL C 183 -30.08 -25.16 9.13
C VAL C 183 -30.55 -23.74 8.82
N VAL C 184 -29.69 -22.99 8.13
CA VAL C 184 -30.03 -21.66 7.64
C VAL C 184 -29.76 -21.57 6.14
N PHE C 185 -30.56 -20.79 5.43
CA PHE C 185 -30.46 -20.70 3.99
C PHE C 185 -30.01 -19.33 3.50
N PHE C 186 -29.54 -18.49 4.42
CA PHE C 186 -29.17 -17.12 4.05
C PHE C 186 -27.82 -16.70 4.60
N ASP C 187 -26.98 -16.21 3.70
CA ASP C 187 -25.69 -15.64 4.05
C ASP C 187 -25.83 -14.60 5.16
N ASN C 188 -24.83 -14.57 6.04
CA ASN C 188 -24.75 -13.53 7.06
C ASN C 188 -25.85 -13.64 8.10
N GLN C 189 -26.39 -14.85 8.26
CA GLN C 189 -27.43 -15.09 9.25
C GLN C 189 -26.84 -15.84 10.45
N ALA C 190 -25.53 -16.08 10.40
CA ALA C 190 -24.82 -16.73 11.48
C ALA C 190 -23.40 -16.20 11.55
N TYR C 191 -22.91 -15.96 12.76
CA TYR C 191 -21.55 -15.52 12.95
C TYR C 191 -20.73 -16.60 13.63
N PRO C 192 -19.71 -17.12 12.91
CA PRO C 192 -18.74 -18.00 13.56
C PRO C 192 -17.95 -17.17 14.55
N GLU C 193 -17.95 -17.60 15.81
CA GLU C 193 -17.44 -16.78 16.90
C GLU C 193 -16.14 -17.36 17.46
N TYR C 194 -16.22 -18.58 17.96
CA TYR C 194 -15.03 -19.23 18.50
C TYR C 194 -14.63 -20.45 17.67
N LEU C 195 -13.33 -20.58 17.42
CA LEU C 195 -12.81 -21.73 16.69
C LEU C 195 -12.06 -22.63 17.66
N ILE C 196 -12.58 -23.83 17.86
CA ILE C 196 -11.98 -24.78 18.80
C ILE C 196 -11.17 -25.84 18.10
N THR C 197 -9.85 -25.72 18.20
CA THR C 197 -8.96 -26.79 17.79
C THR C 197 -8.75 -27.68 19.00
N PHE C 198 -9.09 -28.96 18.84
CA PHE C 198 -9.06 -29.92 19.94
C PHE C 198 -8.61 -31.27 19.40
N THR C 199 -8.40 -32.22 20.31
CA THR C 199 -8.03 -33.58 19.90
C THR C 199 -8.60 -34.61 20.86
N ALA C 200 -8.39 -35.89 20.57
CA ALA C 200 -8.97 -36.99 21.35
C ALA C 200 -8.60 -36.96 22.83
N ASN D 3 15.08 11.14 -41.32
CA ASN D 3 15.72 11.21 -40.01
C ASN D 3 14.85 11.90 -38.97
N LEU D 4 13.54 11.84 -39.17
CA LEU D 4 12.59 12.60 -38.34
C LEU D 4 11.78 11.70 -37.42
N PRO D 5 11.12 12.30 -36.43
CA PRO D 5 10.18 11.61 -35.54
C PRO D 5 9.07 10.97 -36.34
N GLU D 6 8.86 9.67 -36.17
CA GLU D 6 7.89 8.93 -36.97
C GLU D 6 6.45 9.05 -36.49
N HIS D 7 6.20 9.93 -35.52
CA HIS D 7 4.84 10.22 -35.12
C HIS D 7 4.44 11.62 -35.58
N TRP D 8 5.24 12.15 -36.51
CA TRP D 8 5.00 13.48 -37.06
C TRP D 8 4.13 13.42 -38.30
N THR D 9 3.31 14.45 -38.48
CA THR D 9 2.48 14.56 -39.67
C THR D 9 3.35 14.83 -40.89
N ASP D 10 2.99 14.22 -42.01
CA ASP D 10 3.66 14.52 -43.27
C ASP D 10 3.70 16.03 -43.44
N MET D 11 4.84 16.55 -43.87
CA MET D 11 5.02 18.00 -43.94
C MET D 11 4.89 18.56 -45.35
N ASN D 12 4.52 17.71 -46.31
CA ASN D 12 4.27 18.16 -47.66
C ASN D 12 5.50 18.86 -48.25
N HIS D 13 6.68 18.37 -47.87
CA HIS D 13 7.94 18.93 -48.34
C HIS D 13 8.19 20.35 -47.81
N GLN D 14 7.67 20.61 -46.62
CA GLN D 14 7.90 21.89 -45.93
C GLN D 14 8.74 21.66 -44.67
N LEU D 15 9.37 22.71 -44.18
CA LEU D 15 10.32 22.59 -43.09
C LEU D 15 9.74 22.90 -41.71
N PHE D 16 8.76 23.79 -41.64
CA PHE D 16 8.11 24.10 -40.36
C PHE D 16 6.60 23.91 -40.42
N CYS D 17 6.04 23.38 -39.33
CA CYS D 17 4.62 23.07 -39.29
C CYS D 17 4.08 22.99 -37.86
N MET D 18 2.94 23.65 -37.64
CA MET D 18 2.22 23.54 -36.36
C MET D 18 1.02 22.61 -36.51
N VAL D 19 0.95 21.60 -35.65
CA VAL D 19 -0.07 20.56 -35.77
C VAL D 19 -0.84 20.40 -34.48
N GLN D 20 -2.13 20.72 -34.52
CA GLN D 20 -2.98 20.63 -33.34
C GLN D 20 -3.38 19.18 -33.02
N LEU D 21 -3.36 18.82 -31.74
CA LEU D 21 -3.67 17.45 -31.32
C LEU D 21 -5.16 17.21 -31.22
N GLU D 22 -5.58 15.98 -31.46
CA GLU D 22 -6.98 15.60 -31.29
C GLU D 22 -7.19 15.03 -29.88
N PRO D 23 -8.01 15.73 -29.08
CA PRO D 23 -8.28 15.57 -27.63
C PRO D 23 -8.50 14.14 -27.14
N GLY D 24 -8.95 13.22 -27.99
CA GLY D 24 -9.20 11.88 -27.53
C GLY D 24 -7.95 11.04 -27.57
N GLN D 25 -6.96 11.52 -28.32
CA GLN D 25 -5.73 10.79 -28.57
C GLN D 25 -4.94 10.44 -27.31
N SER D 26 -4.04 9.47 -27.47
CA SER D 26 -3.12 9.09 -26.42
C SER D 26 -2.04 10.16 -26.31
N GLU D 27 -1.73 10.77 -27.43
CA GLU D 27 -0.74 11.83 -27.45
C GLU D 27 -1.23 13.02 -26.66
N TYR D 28 -2.48 13.40 -26.89
CA TYR D 28 -3.09 14.53 -26.20
C TYR D 28 -3.20 14.28 -24.70
N ASN D 29 -3.55 13.05 -24.33
CA ASN D 29 -3.71 12.69 -22.93
C ASN D 29 -2.40 12.40 -22.19
N THR D 30 -1.39 11.94 -22.93
CA THR D 30 -0.07 11.74 -22.34
C THR D 30 0.52 13.10 -21.94
N ILE D 31 0.47 14.04 -22.87
CA ILE D 31 0.96 15.39 -22.63
C ILE D 31 0.11 16.11 -21.59
N LYS D 32 -1.20 15.84 -21.63
CA LYS D 32 -2.14 16.49 -20.72
C LYS D 32 -2.00 15.93 -19.31
N ASP D 33 -1.74 14.64 -19.21
CA ASP D 33 -1.50 14.00 -17.92
C ASP D 33 -0.26 14.57 -17.23
N LYS D 34 0.74 14.92 -18.02
CA LYS D 34 1.95 15.55 -17.48
C LYS D 34 1.62 16.95 -16.97
N PHE D 35 0.70 17.62 -17.65
CA PHE D 35 0.31 18.98 -17.29
C PHE D 35 -0.57 18.98 -16.05
N THR D 36 -1.52 18.05 -16.01
CA THR D 36 -2.50 18.00 -14.93
C THR D 36 -1.94 17.46 -13.62
N ARG D 37 -0.68 17.06 -13.62
CA ARG D 37 -0.04 16.67 -12.37
C ARG D 37 0.01 17.86 -11.41
N THR D 38 0.40 19.03 -11.92
CA THR D 38 0.54 20.22 -11.09
C THR D 38 -0.36 21.39 -11.52
N CYS D 39 -1.14 21.15 -12.56
CA CYS D 39 -2.13 22.14 -13.03
C CYS D 39 -3.48 21.47 -13.28
N SER D 40 -4.21 21.19 -12.19
CA SER D 40 -5.53 20.59 -12.30
C SER D 40 -6.59 21.66 -12.46
N SER D 41 -6.24 22.88 -12.08
CA SER D 41 -7.20 23.99 -12.08
C SER D 41 -7.40 24.65 -13.44
N TYR D 42 -6.35 24.73 -14.25
CA TYR D 42 -6.44 25.40 -15.55
C TYR D 42 -7.17 24.56 -16.60
N ALA D 43 -7.66 25.21 -17.65
CA ALA D 43 -8.33 24.53 -18.77
C ALA D 43 -7.61 24.77 -20.08
N ILE D 44 -7.37 23.69 -20.84
CA ILE D 44 -6.60 23.76 -22.08
C ILE D 44 -7.44 24.15 -23.29
N GLU D 45 -7.18 25.31 -23.87
CA GLU D 45 -7.79 25.64 -25.15
C GLU D 45 -7.27 24.65 -26.18
N LYS D 46 -5.95 24.47 -26.21
CA LYS D 46 -5.35 23.55 -27.17
C LYS D 46 -3.92 23.15 -26.84
N ILE D 47 -3.45 22.14 -27.58
CA ILE D 47 -2.07 21.68 -27.54
C ILE D 47 -1.65 21.45 -28.99
N GLU D 48 -0.44 21.84 -29.35
CA GLU D 48 0.02 21.71 -30.72
C GLU D 48 1.42 21.14 -30.78
N ARG D 49 1.63 20.14 -31.63
CA ARG D 49 2.97 19.58 -31.79
C ARG D 49 3.81 20.42 -32.75
N ILE D 50 4.86 21.02 -32.23
CA ILE D 50 5.78 21.82 -33.03
C ILE D 50 6.72 20.95 -33.85
N GLN D 51 6.63 21.07 -35.17
CA GLN D 51 7.47 20.29 -36.08
C GLN D 51 8.47 21.20 -36.80
N ASN D 52 9.67 21.32 -36.24
CA ASN D 52 10.70 22.14 -36.85
C ASN D 52 11.90 21.29 -37.29
N ALA D 53 12.01 21.07 -38.60
CA ALA D 53 13.04 20.19 -39.14
C ALA D 53 14.47 20.62 -38.78
N PHE D 54 14.78 21.90 -38.93
CA PHE D 54 16.14 22.39 -38.64
C PHE D 54 16.45 22.41 -37.15
N LEU D 55 15.47 22.81 -36.34
CA LEU D 55 15.63 22.77 -34.89
C LEU D 55 15.79 21.33 -34.43
N TRP D 56 14.96 20.44 -34.99
CA TRP D 56 15.02 19.03 -34.64
C TRP D 56 16.40 18.46 -34.93
N GLN D 57 16.88 18.78 -36.12
CA GLN D 57 18.16 18.29 -36.62
C GLN D 57 19.32 18.60 -35.67
N SER D 58 19.37 19.84 -35.19
CA SER D 58 20.49 20.30 -34.39
C SER D 58 20.44 19.83 -32.93
N TYR D 59 19.24 19.64 -32.41
CA TYR D 59 19.06 19.09 -31.07
C TYR D 59 19.44 17.62 -31.10
N GLN D 60 19.05 16.95 -32.18
CA GLN D 60 19.39 15.54 -32.36
C GLN D 60 20.89 15.36 -32.34
N VAL D 61 21.59 16.25 -33.04
CA VAL D 61 23.04 16.16 -33.14
C VAL D 61 23.70 16.24 -31.77
N LYS D 62 23.19 17.13 -30.92
CA LYS D 62 23.77 17.31 -29.58
C LYS D 62 23.40 16.16 -28.64
N LYS D 63 22.22 15.58 -28.84
CA LYS D 63 21.77 14.45 -28.02
C LYS D 63 22.82 13.35 -28.09
N ARG D 64 23.32 13.10 -29.29
CA ARG D 64 24.34 12.07 -29.50
C ARG D 64 25.70 12.49 -28.96
N GLN D 65 26.06 13.75 -29.16
CA GLN D 65 27.31 14.30 -28.64
C GLN D 65 27.32 14.26 -27.12
N MET D 66 26.13 14.27 -26.52
CA MET D 66 26.00 14.22 -25.08
C MET D 66 26.04 12.78 -24.56
N ASP D 67 25.24 11.91 -25.17
CA ASP D 67 25.22 10.50 -24.80
C ASP D 67 26.61 9.89 -24.99
N ILE D 68 27.38 10.46 -25.92
CA ILE D 68 28.77 10.08 -26.10
C ILE D 68 29.57 10.48 -24.85
N LYS D 69 29.55 11.78 -24.58
CA LYS D 69 30.51 12.42 -23.70
C LYS D 69 30.41 12.03 -22.22
N ASN D 70 29.19 11.80 -21.74
CA ASN D 70 28.99 11.52 -20.33
C ASN D 70 29.39 10.07 -19.99
N ASP D 71 28.49 9.14 -20.26
CA ASP D 71 28.84 7.73 -20.38
C ASP D 71 28.02 7.37 -21.58
N HIS D 72 26.86 6.82 -21.26
CA HIS D 72 25.63 7.16 -21.96
C HIS D 72 24.67 7.46 -20.82
N LYS D 73 24.84 8.61 -20.18
CA LYS D 73 24.00 8.95 -19.02
C LYS D 73 22.61 9.29 -19.50
N ASN D 74 21.65 9.37 -18.58
CA ASN D 74 20.32 9.85 -18.93
C ASN D 74 20.38 11.36 -19.05
N ASN D 75 20.49 11.84 -20.28
CA ASN D 75 20.70 13.26 -20.55
C ASN D 75 19.42 14.08 -20.62
N GLU D 76 18.34 13.47 -21.10
CA GLU D 76 17.18 14.23 -21.51
C GLU D 76 16.07 14.33 -20.46
N ARG D 77 15.45 15.50 -20.37
CA ARG D 77 14.30 15.71 -19.48
C ARG D 77 13.14 16.37 -20.21
N LEU D 78 11.93 16.15 -19.70
CA LEU D 78 10.77 16.88 -20.17
C LEU D 78 10.46 18.01 -19.20
N LEU D 79 10.74 19.24 -19.64
CA LEU D 79 10.49 20.40 -18.82
C LEU D 79 9.45 21.31 -19.45
N PHE D 80 9.10 22.37 -18.75
CA PHE D 80 8.12 23.32 -19.26
C PHE D 80 8.73 24.71 -19.36
N HIS D 81 8.32 25.45 -20.38
CA HIS D 81 8.73 26.84 -20.51
C HIS D 81 7.53 27.74 -20.77
N GLY D 82 7.10 28.46 -19.73
CA GLY D 82 6.05 29.44 -19.89
C GLY D 82 6.64 30.68 -20.54
N THR D 83 5.87 31.31 -21.42
CA THR D 83 6.32 32.52 -22.12
C THR D 83 5.12 33.40 -22.46
N ASP D 84 5.38 34.63 -22.86
CA ASP D 84 4.32 35.55 -23.26
C ASP D 84 3.97 35.34 -24.73
N ALA D 85 2.72 35.63 -25.08
CA ALA D 85 2.20 35.33 -26.40
C ALA D 85 3.05 35.82 -27.57
N ASP D 86 3.80 36.91 -27.35
CA ASP D 86 4.53 37.55 -28.44
C ASP D 86 5.90 36.92 -28.75
N SER D 87 6.43 36.12 -27.83
CA SER D 87 7.69 35.40 -28.08
C SER D 87 7.46 34.12 -28.89
N VAL D 88 6.27 33.54 -28.70
CA VAL D 88 5.91 32.25 -29.29
C VAL D 88 6.33 32.06 -30.75
N PRO D 89 6.00 33.03 -31.63
CA PRO D 89 6.35 32.83 -33.03
C PRO D 89 7.84 32.57 -33.21
N TYR D 90 8.66 33.26 -32.42
CA TYR D 90 10.11 33.10 -32.50
C TYR D 90 10.55 31.78 -31.91
N VAL D 91 10.00 31.42 -30.75
CA VAL D 91 10.33 30.16 -30.10
C VAL D 91 9.98 28.97 -30.98
N ASN D 92 8.79 29.00 -31.58
CA ASN D 92 8.40 27.97 -32.53
C ASN D 92 9.47 27.82 -33.60
N GLN D 93 9.92 28.95 -34.14
CA GLN D 93 10.88 28.93 -35.26
C GLN D 93 12.30 28.63 -34.80
N HIS D 94 12.83 29.46 -33.92
CA HIS D 94 14.25 29.42 -33.56
C HIS D 94 14.51 28.81 -32.19
N GLY D 95 13.45 28.36 -31.53
CA GLY D 95 13.59 27.79 -30.20
C GLY D 95 13.99 28.81 -29.17
N PHE D 96 14.63 28.35 -28.10
CA PHE D 96 14.97 29.21 -26.97
C PHE D 96 16.37 29.82 -27.09
N ASN D 97 16.46 31.09 -26.72
CA ASN D 97 17.69 31.85 -26.83
C ASN D 97 18.02 32.55 -25.51
N ARG D 98 19.28 32.50 -25.10
CA ARG D 98 19.73 33.09 -23.83
C ARG D 98 19.92 34.60 -23.95
N SER D 99 19.95 35.08 -25.19
CA SER D 99 20.15 36.50 -25.47
C SER D 99 18.82 37.25 -25.56
N SER D 107 18.52 34.25 -9.40
CA SER D 107 19.11 33.84 -10.67
C SER D 107 20.19 32.80 -10.46
N TYR D 108 20.12 31.74 -11.24
CA TYR D 108 21.09 30.67 -11.19
C TYR D 108 21.93 30.62 -12.47
N GLY D 109 21.97 31.74 -13.18
CA GLY D 109 22.79 31.85 -14.38
C GLY D 109 22.14 32.64 -15.51
N LYS D 110 22.98 33.07 -16.45
CA LYS D 110 22.49 33.66 -17.69
C LYS D 110 22.21 32.57 -18.72
N GLY D 111 20.98 32.08 -18.74
CA GLY D 111 20.58 31.03 -19.65
C GLY D 111 19.08 30.86 -19.69
N THR D 112 18.64 29.78 -20.33
CA THR D 112 17.22 29.51 -20.52
C THR D 112 16.68 28.60 -19.43
N TYR D 113 15.57 29.04 -18.82
CA TYR D 113 14.99 28.35 -17.67
C TYR D 113 13.84 27.41 -18.04
N PHE D 114 13.84 26.24 -17.42
CA PHE D 114 12.80 25.26 -17.66
C PHE D 114 12.31 24.65 -16.34
N ALA D 115 11.00 24.52 -16.20
CA ALA D 115 10.41 24.09 -14.94
C ALA D 115 10.16 22.58 -14.89
N VAL D 116 10.48 21.98 -13.74
CA VAL D 116 10.16 20.57 -13.51
C VAL D 116 8.65 20.41 -13.47
N ASP D 117 7.98 21.40 -12.88
CA ASP D 117 6.53 21.37 -12.72
C ASP D 117 5.85 22.41 -13.62
N ALA D 118 4.62 22.13 -14.03
CA ALA D 118 3.85 23.06 -14.85
C ALA D 118 3.29 24.21 -14.01
N SER D 119 3.01 23.93 -12.74
CA SER D 119 2.53 24.95 -11.82
C SER D 119 3.48 26.13 -11.77
N TYR D 120 4.78 25.84 -11.89
CA TYR D 120 5.80 26.88 -11.82
C TYR D 120 5.79 27.77 -13.06
N SER D 121 5.94 27.15 -14.23
CA SER D 121 5.90 27.87 -15.49
C SER D 121 4.61 28.66 -15.63
N ALA D 122 3.53 28.09 -15.10
CA ALA D 122 2.19 28.68 -15.25
C ALA D 122 2.02 30.00 -14.52
N LYS D 123 2.95 30.35 -13.63
CA LYS D 123 2.85 31.61 -12.91
C LYS D 123 2.79 32.75 -13.93
N ASP D 124 1.79 33.62 -13.79
CA ASP D 124 1.55 34.70 -14.75
C ASP D 124 2.82 35.51 -15.06
N THR D 125 3.83 35.38 -14.21
CA THR D 125 5.10 36.07 -14.42
C THR D 125 5.77 35.57 -15.70
N TYR D 126 5.63 34.26 -15.94
CA TYR D 126 6.29 33.59 -17.05
C TYR D 126 5.33 33.43 -18.23
N SER D 127 4.36 32.53 -18.07
CA SER D 127 3.28 32.39 -19.05
C SER D 127 2.32 33.56 -18.94
N LYS D 128 2.53 34.57 -19.79
CA LYS D 128 1.76 35.81 -19.72
C LYS D 128 0.46 35.80 -20.53
N PRO D 129 -0.66 36.08 -19.85
CA PRO D 129 -1.96 36.17 -20.53
C PRO D 129 -1.95 37.22 -21.64
N ASP D 130 -2.39 36.83 -22.83
CA ASP D 130 -2.60 37.81 -23.90
C ASP D 130 -3.82 38.64 -23.54
N SER D 131 -4.21 39.54 -24.44
CA SER D 131 -5.38 40.37 -24.19
C SER D 131 -6.64 39.52 -24.00
N ASN D 132 -6.57 38.26 -24.40
CA ASN D 132 -7.72 37.36 -24.33
C ASN D 132 -7.68 36.42 -23.12
N GLY D 133 -6.74 36.68 -22.21
CA GLY D 133 -6.61 35.87 -21.01
C GLY D 133 -5.88 34.57 -21.25
N ARG D 134 -5.50 34.32 -22.50
CA ARG D 134 -4.83 33.08 -22.87
C ARG D 134 -3.34 33.10 -22.56
N LYS D 135 -2.89 32.09 -21.82
CA LYS D 135 -1.49 31.96 -21.47
C LYS D 135 -0.77 30.96 -22.38
N HIS D 136 0.53 30.79 -22.19
CA HIS D 136 1.28 29.86 -23.03
C HIS D 136 2.41 29.16 -22.27
N MET D 137 2.63 27.90 -22.61
CA MET D 137 3.64 27.07 -21.98
C MET D 137 4.11 26.01 -22.96
N TYR D 138 5.43 25.75 -23.00
CA TYR D 138 5.97 24.72 -23.87
C TYR D 138 6.31 23.46 -23.10
N VAL D 139 6.12 22.30 -23.72
CA VAL D 139 6.64 21.06 -23.18
C VAL D 139 7.93 20.75 -23.93
N VAL D 140 9.06 21.10 -23.31
CA VAL D 140 10.34 21.11 -23.99
C VAL D 140 11.23 19.94 -23.62
N ARG D 141 11.79 19.28 -24.62
CA ARG D 141 12.83 18.29 -24.38
C ARG D 141 14.16 19.01 -24.20
N VAL D 142 14.73 18.90 -23.01
CA VAL D 142 16.01 19.51 -22.71
C VAL D 142 17.11 18.48 -22.46
N LEU D 143 18.30 18.75 -22.96
CA LEU D 143 19.46 17.89 -22.72
C LEU D 143 20.15 18.33 -21.44
N THR D 144 19.65 17.81 -20.31
CA THR D 144 20.12 18.17 -18.98
C THR D 144 21.46 17.54 -18.62
N GLY D 145 21.64 16.27 -19.00
CA GLY D 145 22.85 15.55 -18.72
C GLY D 145 23.34 15.73 -17.30
N VAL D 146 24.63 16.01 -17.13
CA VAL D 146 25.18 16.25 -15.80
C VAL D 146 25.08 17.73 -15.40
N PHE D 147 24.50 17.97 -14.23
CA PHE D 147 24.30 19.33 -13.75
C PHE D 147 24.87 19.53 -12.35
N THR D 148 25.00 20.79 -11.95
CA THR D 148 25.46 21.16 -10.62
C THR D 148 24.57 22.30 -10.14
N LYS D 149 24.84 22.83 -8.95
CA LYS D 149 24.04 23.94 -8.46
C LYS D 149 24.35 25.24 -9.20
N GLY D 150 23.37 26.14 -9.25
CA GLY D 150 23.52 27.38 -9.99
C GLY D 150 23.81 28.58 -9.10
N ARG D 151 24.38 29.61 -9.71
CA ARG D 151 24.66 30.87 -9.01
C ARG D 151 24.50 31.99 -10.01
N ALA D 152 24.48 33.24 -9.52
CA ALA D 152 24.09 34.37 -10.34
C ALA D 152 25.00 34.65 -11.54
N GLY D 153 26.30 34.55 -11.35
CA GLY D 153 27.25 35.05 -12.35
C GLY D 153 27.32 34.38 -13.71
N LEU D 154 26.92 33.12 -13.79
CA LEU D 154 27.22 32.28 -14.96
C LEU D 154 26.80 32.79 -16.34
N VAL D 155 27.75 32.77 -17.26
CA VAL D 155 27.47 33.01 -18.68
C VAL D 155 27.54 31.68 -19.43
N THR D 156 28.27 30.74 -18.84
CA THR D 156 28.33 29.37 -19.31
C THR D 156 28.23 28.48 -18.08
N PRO D 157 27.82 27.22 -18.27
CA PRO D 157 27.77 26.37 -17.08
C PRO D 157 29.16 26.28 -16.49
N PRO D 158 29.27 25.94 -15.20
CA PRO D 158 30.60 25.82 -14.61
C PRO D 158 31.36 24.64 -15.21
N PRO D 159 32.69 24.72 -15.26
CA PRO D 159 33.48 23.54 -15.59
C PRO D 159 33.51 22.63 -14.38
N LYS D 160 33.46 21.32 -14.59
CA LYS D 160 33.50 20.38 -13.49
C LYS D 160 34.66 20.70 -12.55
N ASN D 161 35.88 20.52 -13.06
CA ASN D 161 37.07 20.85 -12.31
C ASN D 161 37.63 22.20 -12.75
N PRO D 162 37.55 23.21 -11.87
CA PRO D 162 38.05 24.56 -12.19
C PRO D 162 39.53 24.56 -12.55
N HIS D 163 40.25 23.47 -12.27
CA HIS D 163 41.65 23.34 -12.67
C HIS D 163 41.76 22.64 -14.02
N ASN D 164 40.60 22.41 -14.62
CA ASN D 164 40.48 22.11 -16.04
C ASN D 164 39.22 22.79 -16.55
N PRO D 165 39.33 24.09 -16.88
CA PRO D 165 38.20 24.91 -17.33
C PRO D 165 37.83 24.64 -18.79
N THR D 166 37.80 23.37 -19.17
CA THR D 166 37.39 23.01 -20.52
C THR D 166 36.13 22.13 -20.51
N ASP D 167 36.17 21.03 -19.77
CA ASP D 167 34.97 20.23 -19.62
C ASP D 167 33.97 20.99 -18.75
N LEU D 168 32.74 21.12 -19.23
CA LEU D 168 31.71 21.82 -18.47
C LEU D 168 30.61 20.88 -18.02
N PHE D 169 29.80 21.32 -17.06
CA PHE D 169 28.53 20.67 -16.79
C PHE D 169 27.61 21.00 -17.96
N ASP D 170 26.49 20.28 -18.04
CA ASP D 170 25.56 20.44 -19.15
C ASP D 170 24.44 21.41 -18.82
N SER D 171 24.28 21.70 -17.54
CA SER D 171 23.28 22.65 -17.06
C SER D 171 23.51 22.94 -15.57
N VAL D 172 22.57 23.66 -14.96
CA VAL D 172 22.63 23.96 -13.54
C VAL D 172 21.25 23.87 -12.91
N THR D 173 21.21 23.49 -11.63
CA THR D 173 19.96 23.38 -10.91
C THR D 173 20.00 24.27 -9.67
N ASN D 174 18.87 24.36 -8.97
CA ASN D 174 18.78 25.13 -7.75
C ASN D 174 19.22 24.29 -6.56
N ASN D 175 18.77 23.04 -6.56
CA ASN D 175 19.22 22.04 -5.62
C ASN D 175 19.37 20.72 -6.36
N THR D 176 20.48 20.02 -6.16
CA THR D 176 20.77 18.83 -6.97
C THR D 176 20.05 17.59 -6.45
N ARG D 177 19.78 17.55 -5.14
CA ARG D 177 19.05 16.44 -4.54
C ARG D 177 17.63 16.36 -5.09
N SER D 178 16.95 17.50 -5.10
CA SER D 178 15.62 17.60 -5.70
C SER D 178 15.49 18.89 -6.51
N PRO D 179 15.87 18.84 -7.80
CA PRO D 179 15.84 19.98 -8.72
C PRO D 179 14.41 20.39 -9.05
N LYS D 180 14.14 21.70 -9.03
CA LYS D 180 12.83 22.21 -9.40
C LYS D 180 12.87 23.09 -10.65
N LEU D 181 14.07 23.34 -11.15
CA LEU D 181 14.26 24.11 -12.38
C LEU D 181 15.52 23.62 -13.10
N PHE D 182 15.72 24.11 -14.32
CA PHE D 182 16.91 23.79 -15.10
C PHE D 182 17.30 24.91 -16.06
N VAL D 183 18.60 25.22 -16.09
CA VAL D 183 19.14 26.29 -16.93
C VAL D 183 20.16 25.74 -17.90
N VAL D 184 19.98 26.03 -19.19
CA VAL D 184 20.96 25.66 -20.20
C VAL D 184 21.44 26.90 -20.92
N PHE D 185 22.72 26.90 -21.29
CA PHE D 185 23.36 28.11 -21.78
C PHE D 185 23.76 28.04 -23.25
N PHE D 186 23.20 27.10 -24.00
CA PHE D 186 23.62 26.90 -25.38
C PHE D 186 22.44 26.67 -26.31
N ASP D 187 22.53 27.24 -27.51
CA ASP D 187 21.55 27.00 -28.54
C ASP D 187 21.53 25.52 -28.89
N ASN D 188 20.33 24.98 -29.12
CA ASN D 188 20.18 23.60 -29.59
C ASN D 188 20.30 22.53 -28.51
N GLN D 189 20.04 22.90 -27.26
CA GLN D 189 20.05 21.94 -26.15
C GLN D 189 18.62 21.67 -25.71
N ALA D 190 17.69 22.40 -26.32
CA ALA D 190 16.27 22.28 -25.99
C ALA D 190 15.41 22.33 -27.25
N TYR D 191 14.60 21.28 -27.45
CA TYR D 191 13.64 21.26 -28.53
C TYR D 191 12.22 21.34 -28.00
N PRO D 192 11.51 22.42 -28.36
CA PRO D 192 10.11 22.64 -27.97
C PRO D 192 9.20 21.69 -28.73
N GLU D 193 8.64 20.72 -28.02
CA GLU D 193 7.91 19.63 -28.65
C GLU D 193 6.41 19.90 -28.76
N TYR D 194 5.85 20.62 -27.80
CA TYR D 194 4.42 20.95 -27.84
C TYR D 194 4.14 22.36 -27.32
N LEU D 195 3.04 22.94 -27.75
CA LEU D 195 2.64 24.27 -27.29
C LEU D 195 1.23 24.24 -26.69
N ILE D 196 1.16 24.37 -25.38
CA ILE D 196 -0.12 24.39 -24.68
C ILE D 196 -0.66 25.80 -24.53
N THR D 197 -1.82 26.06 -25.10
CA THR D 197 -2.54 27.29 -24.84
C THR D 197 -3.65 26.97 -23.87
N PHE D 198 -3.62 27.59 -22.68
CA PHE D 198 -4.65 27.32 -21.68
C PHE D 198 -5.30 28.58 -21.10
N THR D 199 -6.28 28.36 -20.23
CA THR D 199 -7.15 29.42 -19.74
C THR D 199 -7.50 29.18 -18.28
N ALA D 200 -7.75 30.26 -17.55
CA ALA D 200 -8.08 30.19 -16.13
C ALA D 200 -9.02 29.02 -15.83
NAJ 0RU E . 23.96 -13.18 -2.59
CAE 0RU E . 24.17 -12.09 -1.80
CAC 0RU E . 23.60 -10.86 -2.16
CAF 0RU E . 22.84 -10.78 -3.33
NAK 0RU E . 22.67 -11.89 -4.09
CAQ 0RU E . 23.23 -13.06 -3.71
SAN 0RU E . 22.97 -14.48 -4.74
CAI 0RU E . 21.20 -14.74 -4.81
CAP 0RU E . 20.62 -15.77 -3.89
NAL 0RU E . 21.20 -16.99 -3.85
CAT 0RU E . 20.71 -17.97 -3.02
CAO 0RU E . 21.31 -19.26 -2.95
CAA 0RU E . 22.48 -19.60 -3.78
CAG 0RU E . 20.78 -20.22 -2.11
CAD 0RU E . 19.67 -19.93 -1.32
CAH 0RU E . 19.09 -18.66 -1.38
CAS 0RU E . 19.63 -17.68 -2.24
CAR 0RU E . 19.03 -16.36 -2.31
OAB 0RU E . 17.91 -16.04 -1.53
NAM 0RU E . 19.56 -15.45 -3.15
NAJ 0RU F . -17.96 -32.09 5.89
CAE 0RU F . -16.74 -32.65 5.82
CAC 0RU F . -15.65 -32.01 6.46
CAF 0RU F . -15.88 -30.81 7.13
NAK 0RU F . -17.12 -30.28 7.16
CAQ 0RU F . -18.13 -30.93 6.54
SAN 0RU F . -19.75 -30.18 6.62
CAI 0RU F . -19.84 -29.20 8.10
CAP 0RU F . -20.77 -29.64 9.18
NAL 0RU F . -21.92 -30.27 8.85
CAT 0RU F . -22.79 -30.68 9.84
CAO 0RU F . -24.00 -31.36 9.50
CAA 0RU F . -24.34 -31.61 8.08
CAG 0RU F . -24.86 -31.78 10.50
CAD 0RU F . -24.52 -31.54 11.83
CAH 0RU F . -23.34 -30.89 12.16
CAS 0RU F . -22.47 -30.46 11.14
CAR 0RU F . -21.24 -29.79 11.46
OAB 0RU F . -20.90 -29.55 12.79
NAM 0RU F . -20.44 -29.40 10.46
CAI 0RU G . 10.38 32.32 -19.47
CAP 0RU G . 10.40 31.43 -18.28
NAL 0RU G . 11.29 31.67 -17.30
CAT 0RU G . 11.32 30.85 -16.18
CAO 0RU G . 12.27 31.12 -15.14
CAA 0RU G . 13.20 32.26 -15.25
CAG 0RU G . 12.30 30.29 -14.04
CAD 0RU G . 11.42 29.23 -13.93
CAH 0RU G . 10.51 28.97 -14.95
CAS 0RU G . 10.46 29.80 -16.08
CAR 0RU G . 9.52 29.57 -17.17
OAB 0RU G . 8.63 28.50 -17.10
NAM 0RU G . 9.53 30.39 -18.22
#